data_2RMF
#
_entry.id   2RMF
#
_entity_poly.entity_id   1
_entity_poly.type   'polypeptide(L)'
_entity_poly.pdbx_seq_one_letter_code
;DNPSLSIDLTFHLLRTLLELARTQSQRERAEQNRIIFDSV
;
_entity_poly.pdbx_strand_id   A
#
# COMPACT_ATOMS: atom_id res chain seq x y z
N ASP A 1 -28.37 14.38 2.23
CA ASP A 1 -26.92 14.49 2.56
C ASP A 1 -26.06 14.13 1.35
N ASN A 2 -24.74 14.14 1.54
CA ASN A 2 -23.81 13.80 0.46
C ASN A 2 -23.82 12.30 0.17
N PRO A 3 -24.12 11.90 -1.09
CA PRO A 3 -24.13 10.49 -1.49
C PRO A 3 -22.72 9.90 -1.60
N SER A 4 -21.73 10.78 -1.68
CA SER A 4 -20.32 10.38 -1.77
C SER A 4 -20.06 9.45 -2.97
N LEU A 5 -20.87 9.59 -4.03
CA LEU A 5 -20.70 8.77 -5.23
C LEU A 5 -19.27 8.83 -5.77
N SER A 6 -18.77 10.06 -5.93
CA SER A 6 -17.40 10.27 -6.42
C SER A 6 -16.38 9.98 -5.32
N ILE A 7 -16.81 10.07 -4.07
CA ILE A 7 -15.94 9.82 -2.92
C ILE A 7 -15.70 8.34 -2.72
N ASP A 8 -16.76 7.56 -2.80
CA ASP A 8 -16.64 6.11 -2.63
C ASP A 8 -15.52 5.57 -3.50
N LEU A 9 -15.68 5.72 -4.80
CA LEU A 9 -14.66 5.26 -5.76
C LEU A 9 -13.28 5.83 -5.42
N THR A 10 -13.22 7.15 -5.22
CA THR A 10 -11.96 7.82 -4.88
C THR A 10 -11.41 7.30 -3.57
N PHE A 11 -12.22 7.36 -2.51
CA PHE A 11 -11.81 6.86 -1.20
C PHE A 11 -11.42 5.38 -1.27
N HIS A 12 -12.08 4.64 -2.17
CA HIS A 12 -11.80 3.22 -2.34
C HIS A 12 -10.51 3.02 -3.14
N LEU A 13 -10.40 3.70 -4.29
CA LEU A 13 -9.20 3.59 -5.13
C LEU A 13 -7.97 4.14 -4.40
N LEU A 14 -8.12 5.31 -3.76
CA LEU A 14 -7.00 5.91 -3.02
C LEU A 14 -6.55 4.98 -1.90
N ARG A 15 -7.51 4.30 -1.28
CA ARG A 15 -7.20 3.35 -0.21
C ARG A 15 -6.25 2.28 -0.75
N THR A 16 -6.60 1.71 -1.90
CA THR A 16 -5.79 0.68 -2.55
C THR A 16 -4.36 1.19 -2.81
N LEU A 17 -4.25 2.41 -3.34
CA LEU A 17 -2.94 3.00 -3.62
C LEU A 17 -2.03 2.97 -2.39
N LEU A 18 -2.60 3.25 -1.22
CA LEU A 18 -1.82 3.23 0.02
C LEU A 18 -1.79 1.84 0.63
N GLU A 19 -2.93 1.14 0.58
CA GLU A 19 -3.03 -0.23 1.11
C GLU A 19 -2.01 -1.15 0.45
N LEU A 20 -1.92 -1.02 -0.85
CA LEU A 20 -0.98 -1.80 -1.64
C LEU A 20 0.45 -1.41 -1.32
N ALA A 21 0.69 -0.10 -1.15
CA ALA A 21 2.03 0.40 -0.82
C ALA A 21 2.43 -0.06 0.58
N ARG A 22 1.52 0.08 1.53
CA ARG A 22 1.76 -0.32 2.91
C ARG A 22 2.08 -1.82 2.96
N THR A 23 1.23 -2.64 2.34
CA THR A 23 1.45 -4.09 2.30
C THR A 23 2.79 -4.39 1.63
N GLN A 24 3.05 -3.75 0.50
CA GLN A 24 4.31 -3.92 -0.21
C GLN A 24 5.47 -3.58 0.73
N SER A 25 5.35 -2.42 1.38
CA SER A 25 6.34 -1.97 2.35
C SER A 25 6.53 -3.04 3.42
N GLN A 26 5.41 -3.57 3.91
CA GLN A 26 5.41 -4.62 4.94
C GLN A 26 6.41 -5.72 4.57
N ARG A 27 6.39 -6.16 3.33
CA ARG A 27 7.34 -7.19 2.87
C ARG A 27 8.66 -6.52 2.51
N GLU A 28 8.58 -5.33 1.89
CA GLU A 28 9.73 -4.55 1.50
C GLU A 28 10.76 -4.48 2.63
N ARG A 29 10.33 -3.98 3.79
CA ARG A 29 11.19 -3.87 4.97
C ARG A 29 11.87 -5.20 5.31
N ALA A 30 11.14 -6.31 5.13
CA ALA A 30 11.69 -7.64 5.39
C ALA A 30 12.58 -8.10 4.24
N GLU A 31 12.13 -7.82 3.01
CA GLU A 31 12.89 -8.18 1.82
C GLU A 31 14.18 -7.39 1.76
N GLN A 32 14.06 -6.08 1.89
CA GLN A 32 15.23 -5.22 1.89
C GLN A 32 16.21 -5.68 2.95
N ASN A 33 15.67 -6.18 4.06
CA ASN A 33 16.49 -6.71 5.15
C ASN A 33 17.37 -7.84 4.63
N ARG A 34 16.75 -8.82 3.96
CA ARG A 34 17.51 -9.93 3.39
C ARG A 34 18.33 -9.48 2.18
N ILE A 35 17.77 -8.56 1.40
CA ILE A 35 18.45 -8.01 0.23
C ILE A 35 19.76 -7.34 0.65
N ILE A 36 19.66 -6.54 1.71
CA ILE A 36 20.83 -5.83 2.25
C ILE A 36 21.73 -6.82 2.99
N PHE A 37 21.14 -7.68 3.81
CA PHE A 37 21.89 -8.69 4.56
C PHE A 37 22.82 -9.48 3.65
N ASP A 38 22.29 -9.93 2.52
CA ASP A 38 23.06 -10.69 1.54
C ASP A 38 23.94 -9.81 0.64
N SER A 39 23.96 -8.50 0.93
CA SER A 39 24.75 -7.56 0.13
C SER A 39 25.18 -6.35 0.98
N VAL A 40 25.84 -6.62 2.09
CA VAL A 40 26.30 -5.57 3.00
C VAL A 40 27.68 -5.03 2.59
N ASP A 1 -30.52 13.72 -0.09
CA ASP A 1 -30.31 12.30 -0.54
C ASP A 1 -29.09 11.68 0.15
N ASN A 2 -28.68 10.51 -0.32
CA ASN A 2 -27.52 9.81 0.26
C ASN A 2 -26.51 9.45 -0.83
N PRO A 3 -25.70 10.43 -1.28
CA PRO A 3 -24.70 10.21 -2.33
C PRO A 3 -23.38 9.62 -1.81
N SER A 4 -23.39 9.07 -0.59
CA SER A 4 -22.18 8.47 0.00
C SER A 4 -21.60 7.37 -0.88
N LEU A 5 -22.41 6.84 -1.77
CA LEU A 5 -22.00 5.78 -2.70
C LEU A 5 -20.77 6.23 -3.50
N SER A 6 -20.75 7.51 -3.88
CA SER A 6 -19.62 8.06 -4.64
C SER A 6 -18.34 8.04 -3.80
N ILE A 7 -18.50 8.30 -2.51
CA ILE A 7 -17.38 8.30 -1.57
C ILE A 7 -16.93 6.88 -1.26
N ASP A 8 -17.90 6.05 -0.95
CA ASP A 8 -17.67 4.64 -0.63
C ASP A 8 -16.72 3.99 -1.63
N LEU A 9 -17.06 4.11 -2.91
CA LEU A 9 -16.23 3.54 -3.98
C LEU A 9 -14.92 4.31 -4.17
N THR A 10 -15.02 5.64 -4.29
CA THR A 10 -13.84 6.49 -4.48
C THR A 10 -12.84 6.32 -3.35
N PHE A 11 -13.29 6.50 -2.11
CA PHE A 11 -12.42 6.35 -0.95
C PHE A 11 -11.81 4.95 -0.89
N HIS A 12 -12.56 3.95 -1.39
CA HIS A 12 -12.09 2.57 -1.40
C HIS A 12 -11.15 2.31 -2.56
N LEU A 13 -11.48 2.85 -3.74
CA LEU A 13 -10.62 2.65 -4.92
C LEU A 13 -9.33 3.45 -4.78
N LEU A 14 -9.44 4.72 -4.36
CA LEU A 14 -8.27 5.58 -4.17
C LEU A 14 -7.34 5.04 -3.08
N ARG A 15 -7.93 4.38 -2.08
CA ARG A 15 -7.16 3.80 -0.99
C ARG A 15 -5.98 2.99 -1.54
N THR A 16 -6.24 2.29 -2.64
CA THR A 16 -5.24 1.46 -3.30
C THR A 16 -3.97 2.25 -3.67
N LEU A 17 -4.15 3.43 -4.26
CA LEU A 17 -3.02 4.27 -4.68
C LEU A 17 -2.11 4.66 -3.50
N LEU A 18 -2.70 4.76 -2.30
CA LEU A 18 -1.93 5.14 -1.11
C LEU A 18 -1.56 3.95 -0.22
N GLU A 19 -2.44 2.97 -0.11
CA GLU A 19 -2.19 1.79 0.72
C GLU A 19 -1.08 0.92 0.16
N LEU A 20 -0.87 1.01 -1.13
CA LEU A 20 0.17 0.24 -1.82
C LEU A 20 1.54 0.55 -1.21
N ALA A 21 1.74 1.81 -0.79
CA ALA A 21 2.99 2.23 -0.18
C ALA A 21 3.30 1.35 1.04
N ARG A 22 2.28 1.03 1.81
CA ARG A 22 2.42 0.18 2.98
C ARG A 22 2.76 -1.26 2.54
N THR A 23 1.94 -1.79 1.61
CA THR A 23 2.16 -3.13 1.07
C THR A 23 3.56 -3.23 0.44
N GLN A 24 3.89 -2.24 -0.39
CA GLN A 24 5.20 -2.20 -1.04
C GLN A 24 6.30 -2.16 0.03
N SER A 25 6.09 -1.33 1.05
CA SER A 25 7.03 -1.23 2.15
C SER A 25 7.13 -2.56 2.89
N GLN A 26 5.99 -3.19 3.12
CA GLN A 26 5.93 -4.49 3.81
C GLN A 26 6.91 -5.48 3.22
N ARG A 27 6.77 -5.75 1.93
CA ARG A 27 7.67 -6.66 1.23
C ARG A 27 9.10 -6.12 1.24
N GLU A 28 9.22 -4.82 0.95
CA GLU A 28 10.50 -4.15 0.94
C GLU A 28 11.33 -4.47 2.19
N ARG A 29 10.80 -4.05 3.34
CA ARG A 29 11.48 -4.29 4.62
C ARG A 29 11.73 -5.78 4.86
N ALA A 30 10.83 -6.63 4.36
CA ALA A 30 10.98 -8.08 4.50
C ALA A 30 12.07 -8.59 3.57
N GLU A 31 12.07 -8.08 2.35
CA GLU A 31 13.07 -8.44 1.35
C GLU A 31 14.41 -7.83 1.70
N GLN A 32 14.44 -6.52 1.85
CA GLN A 32 15.66 -5.80 2.21
C GLN A 32 16.32 -6.50 3.40
N ASN A 33 15.50 -6.99 4.34
CA ASN A 33 16.00 -7.70 5.50
C ASN A 33 16.87 -8.88 5.07
N ARG A 34 16.35 -9.68 4.12
CA ARG A 34 17.09 -10.84 3.61
C ARG A 34 18.13 -10.40 2.58
N ILE A 35 17.80 -9.35 1.82
CA ILE A 35 18.69 -8.82 0.80
C ILE A 35 19.96 -8.25 1.42
N ILE A 36 19.78 -7.47 2.49
CA ILE A 36 20.90 -6.86 3.20
C ILE A 36 21.65 -7.89 4.04
N PHE A 37 20.90 -8.79 4.70
CA PHE A 37 21.50 -9.83 5.54
C PHE A 37 22.59 -10.59 4.78
N ASP A 38 22.35 -10.86 3.50
CA ASP A 38 23.31 -11.58 2.66
C ASP A 38 24.36 -10.63 2.04
N SER A 39 24.42 -9.39 2.55
CA SER A 39 25.38 -8.41 2.04
C SER A 39 25.90 -7.52 3.15
N VAL A 40 26.40 -8.14 4.22
CA VAL A 40 26.93 -7.41 5.37
C VAL A 40 28.37 -7.83 5.68
N ASP A 1 -28.30 14.84 -7.31
CA ASP A 1 -26.96 14.18 -7.20
C ASP A 1 -26.47 14.15 -5.74
N ASN A 2 -25.22 13.73 -5.53
CA ASN A 2 -24.64 13.67 -4.18
C ASN A 2 -23.12 13.51 -4.24
N PRO A 3 -22.38 14.33 -3.47
CA PRO A 3 -20.91 14.26 -3.44
C PRO A 3 -20.37 12.96 -2.86
N SER A 4 -21.19 12.29 -2.06
CA SER A 4 -20.80 11.01 -1.45
C SER A 4 -20.56 9.93 -2.48
N LEU A 5 -21.11 10.13 -3.67
CA LEU A 5 -20.94 9.18 -4.77
C LEU A 5 -19.49 9.24 -5.27
N SER A 6 -18.95 10.45 -5.33
CA SER A 6 -17.57 10.65 -5.78
C SER A 6 -16.57 10.29 -4.68
N ILE A 7 -16.95 10.52 -3.43
CA ILE A 7 -16.08 10.22 -2.29
C ILE A 7 -16.14 8.75 -1.89
N ASP A 8 -17.10 8.02 -2.43
CA ASP A 8 -17.22 6.59 -2.14
C ASP A 8 -16.22 5.79 -2.96
N LEU A 9 -16.34 5.90 -4.27
CA LEU A 9 -15.46 5.19 -5.20
C LEU A 9 -14.02 5.69 -5.12
N THR A 10 -13.82 7.01 -5.25
CA THR A 10 -12.48 7.60 -5.22
C THR A 10 -11.70 7.19 -3.97
N PHE A 11 -12.26 7.50 -2.79
CA PHE A 11 -11.61 7.15 -1.54
C PHE A 11 -11.38 5.64 -1.42
N HIS A 12 -12.23 4.84 -2.07
CA HIS A 12 -12.10 3.39 -2.05
C HIS A 12 -11.12 2.90 -3.10
N LEU A 13 -11.14 3.50 -4.29
CA LEU A 13 -10.22 3.10 -5.36
C LEU A 13 -8.81 3.62 -5.06
N LEU A 14 -8.71 4.87 -4.58
CA LEU A 14 -7.41 5.45 -4.23
C LEU A 14 -6.79 4.75 -3.03
N ARG A 15 -7.63 4.21 -2.15
CA ARG A 15 -7.16 3.50 -0.97
C ARG A 15 -6.10 2.47 -1.38
N THR A 16 -6.32 1.87 -2.56
CA THR A 16 -5.40 0.88 -3.12
C THR A 16 -3.95 1.39 -3.11
N LEU A 17 -3.74 2.61 -3.61
CA LEU A 17 -2.39 3.20 -3.67
C LEU A 17 -1.75 3.32 -2.29
N LEU A 18 -2.54 3.65 -1.27
CA LEU A 18 -2.00 3.80 0.09
C LEU A 18 -1.96 2.47 0.85
N GLU A 19 -2.81 1.52 0.47
CA GLU A 19 -2.84 0.21 1.14
C GLU A 19 -1.77 -0.73 0.60
N LEU A 20 -1.49 -0.59 -0.68
CA LEU A 20 -0.48 -1.41 -1.34
C LEU A 20 0.91 -1.04 -0.80
N ALA A 21 1.15 0.27 -0.64
CA ALA A 21 2.42 0.75 -0.10
C ALA A 21 2.72 0.06 1.22
N ARG A 22 1.69 -0.16 2.02
CA ARG A 22 1.83 -0.84 3.30
C ARG A 22 2.27 -2.28 3.07
N THR A 23 1.48 -3.02 2.30
CA THR A 23 1.82 -4.42 1.96
C THR A 23 3.22 -4.48 1.38
N GLN A 24 3.51 -3.53 0.48
CA GLN A 24 4.81 -3.44 -0.13
C GLN A 24 5.87 -3.23 0.95
N SER A 25 5.69 -2.16 1.72
CA SER A 25 6.59 -1.85 2.84
C SER A 25 6.66 -3.05 3.80
N GLN A 26 5.50 -3.66 4.03
CA GLN A 26 5.40 -4.83 4.91
C GLN A 26 6.40 -5.90 4.50
N ARG A 27 6.38 -6.27 3.23
CA ARG A 27 7.31 -7.25 2.72
C ARG A 27 8.70 -6.62 2.51
N GLU A 28 8.70 -5.38 2.02
CA GLU A 28 9.93 -4.63 1.78
C GLU A 28 10.86 -4.71 2.98
N ARG A 29 10.44 -4.18 4.10
CA ARG A 29 11.25 -4.18 5.33
C ARG A 29 11.78 -5.59 5.65
N ALA A 30 11.00 -6.61 5.32
CA ALA A 30 11.40 -7.99 5.54
C ALA A 30 12.34 -8.46 4.44
N GLU A 31 12.00 -8.13 3.19
CA GLU A 31 12.80 -8.50 2.03
C GLU A 31 14.08 -7.66 1.98
N GLN A 32 13.92 -6.34 2.07
CA GLN A 32 15.08 -5.43 2.06
C GLN A 32 16.10 -5.89 3.10
N ASN A 33 15.60 -6.41 4.22
CA ASN A 33 16.45 -6.92 5.27
C ASN A 33 17.35 -8.03 4.74
N ARG A 34 16.74 -9.00 4.02
CA ARG A 34 17.51 -10.09 3.43
C ARG A 34 18.22 -9.62 2.16
N ILE A 35 17.58 -8.71 1.43
CA ILE A 35 18.16 -8.16 0.19
C ILE A 35 19.50 -7.48 0.50
N ILE A 36 19.50 -6.66 1.54
CA ILE A 36 20.71 -5.95 1.97
C ILE A 36 21.66 -6.91 2.67
N PHE A 37 21.11 -7.84 3.45
CA PHE A 37 21.91 -8.83 4.20
C PHE A 37 22.93 -9.52 3.29
N ASP A 38 22.54 -9.79 2.04
CA ASP A 38 23.42 -10.45 1.08
C ASP A 38 24.46 -9.50 0.47
N SER A 39 24.52 -8.25 0.99
CA SER A 39 25.48 -7.25 0.52
C SER A 39 25.06 -6.61 -0.81
N VAL A 40 23.75 -6.69 -1.14
CA VAL A 40 23.21 -6.12 -2.38
C VAL A 40 23.54 -6.97 -3.60
N ASP A 1 -23.79 18.53 0.97
CA ASP A 1 -24.15 17.25 1.66
C ASP A 1 -23.19 16.12 1.29
N ASN A 2 -23.24 15.00 2.01
CA ASN A 2 -22.36 13.87 1.76
C ASN A 2 -23.14 12.67 1.21
N PRO A 3 -23.41 12.64 -0.12
CA PRO A 3 -24.14 11.53 -0.74
C PRO A 3 -23.31 10.24 -0.83
N SER A 4 -22.00 10.38 -0.62
CA SER A 4 -21.07 9.25 -0.65
C SER A 4 -20.91 8.64 -2.03
N LEU A 5 -21.49 9.25 -3.06
CA LEU A 5 -21.36 8.74 -4.43
C LEU A 5 -19.93 8.88 -4.94
N SER A 6 -19.37 10.07 -4.79
CA SER A 6 -18.00 10.35 -5.21
C SER A 6 -17.00 9.82 -4.18
N ILE A 7 -17.45 9.74 -2.93
CA ILE A 7 -16.61 9.24 -1.83
C ILE A 7 -16.38 7.75 -1.92
N ASP A 8 -17.45 7.02 -2.13
CA ASP A 8 -17.38 5.56 -2.25
C ASP A 8 -16.26 5.14 -3.21
N LEU A 9 -16.37 5.60 -4.44
CA LEU A 9 -15.38 5.29 -5.47
C LEU A 9 -13.99 5.82 -5.08
N THR A 10 -13.93 7.10 -4.71
CA THR A 10 -12.66 7.73 -4.32
C THR A 10 -12.04 7.02 -3.12
N PHE A 11 -12.81 6.90 -2.04
CA PHE A 11 -12.33 6.24 -0.84
C PHE A 11 -11.95 4.77 -1.16
N HIS A 12 -12.66 4.19 -2.13
CA HIS A 12 -12.40 2.81 -2.54
C HIS A 12 -11.12 2.73 -3.38
N LEU A 13 -10.98 3.65 -4.34
CA LEU A 13 -9.82 3.66 -5.22
C LEU A 13 -8.56 4.14 -4.48
N LEU A 14 -8.66 5.24 -3.73
CA LEU A 14 -7.52 5.77 -2.98
C LEU A 14 -7.03 4.76 -1.94
N ARG A 15 -7.97 4.03 -1.33
CA ARG A 15 -7.65 3.02 -0.34
C ARG A 15 -6.62 2.04 -0.90
N THR A 16 -6.92 1.50 -2.08
CA THR A 16 -6.03 0.56 -2.76
C THR A 16 -4.66 1.18 -3.01
N LEU A 17 -4.63 2.43 -3.48
CA LEU A 17 -3.39 3.13 -3.76
C LEU A 17 -2.52 3.29 -2.51
N LEU A 18 -3.15 3.60 -1.38
CA LEU A 18 -2.42 3.76 -0.11
C LEU A 18 -2.12 2.42 0.56
N GLU A 19 -3.04 1.47 0.40
CA GLU A 19 -2.87 0.13 1.00
C GLU A 19 -1.75 -0.65 0.34
N LEU A 20 -1.46 -0.30 -0.89
CA LEU A 20 -0.40 -0.96 -1.66
C LEU A 20 0.99 -0.48 -1.20
N ALA A 21 1.11 0.82 -0.93
CA ALA A 21 2.37 1.41 -0.47
C ALA A 21 2.90 0.70 0.76
N ARG A 22 2.11 0.72 1.82
CA ARG A 22 2.48 0.05 3.08
C ARG A 22 2.80 -1.42 2.84
N THR A 23 1.92 -2.09 2.07
CA THR A 23 2.12 -3.50 1.73
C THR A 23 3.44 -3.67 1.00
N GLN A 24 3.64 -2.85 -0.04
CA GLN A 24 4.88 -2.87 -0.81
C GLN A 24 6.06 -2.71 0.14
N SER A 25 5.98 -1.67 0.97
CA SER A 25 7.02 -1.38 1.97
C SER A 25 7.22 -2.59 2.89
N GLN A 26 6.10 -3.12 3.39
CA GLN A 26 6.11 -4.27 4.28
C GLN A 26 6.98 -5.41 3.75
N ARG A 27 6.77 -5.79 2.50
CA ARG A 27 7.55 -6.85 1.89
C ARG A 27 8.96 -6.35 1.54
N GLU A 28 9.04 -5.11 1.05
CA GLU A 28 10.30 -4.51 0.69
C GLU A 28 11.26 -4.50 1.88
N ARG A 29 10.80 -3.98 3.00
CA ARG A 29 11.60 -3.92 4.22
C ARG A 29 12.02 -5.32 4.68
N ALA A 30 11.10 -6.28 4.54
CA ALA A 30 11.36 -7.66 4.90
C ALA A 30 12.44 -8.22 4.00
N GLU A 31 12.30 -7.92 2.71
CA GLU A 31 13.26 -8.35 1.71
C GLU A 31 14.56 -7.61 1.94
N GLN A 32 14.49 -6.28 1.90
CA GLN A 32 15.66 -5.44 2.14
C GLN A 32 16.41 -5.92 3.39
N ASN A 33 15.65 -6.28 4.43
CA ASN A 33 16.22 -6.77 5.67
C ASN A 33 17.14 -7.96 5.38
N ARG A 34 16.69 -8.89 4.55
CA ARG A 34 17.52 -10.05 4.20
C ARG A 34 18.39 -9.75 3.00
N ILE A 35 17.92 -8.89 2.11
CA ILE A 35 18.66 -8.49 0.92
C ILE A 35 19.98 -7.85 1.33
N ILE A 36 19.91 -6.94 2.28
CA ILE A 36 21.09 -6.27 2.81
C ILE A 36 21.97 -7.29 3.53
N PHE A 37 21.32 -8.17 4.31
CA PHE A 37 22.02 -9.22 5.04
C PHE A 37 22.73 -10.18 4.09
N ASP A 38 22.04 -10.56 3.01
CA ASP A 38 22.59 -11.47 2.01
C ASP A 38 23.63 -10.78 1.12
N SER A 39 23.87 -9.49 1.35
CA SER A 39 24.84 -8.72 0.56
C SER A 39 25.80 -7.96 1.46
N VAL A 40 26.30 -8.62 2.51
CA VAL A 40 27.23 -8.00 3.44
C VAL A 40 28.67 -8.39 3.12
N ASP A 1 -29.50 8.30 -8.81
CA ASP A 1 -28.47 7.55 -8.02
C ASP A 1 -28.03 8.35 -6.79
N ASN A 2 -27.25 7.70 -5.92
CA ASN A 2 -26.74 8.34 -4.71
C ASN A 2 -25.55 9.25 -5.02
N PRO A 3 -25.26 10.23 -4.15
CA PRO A 3 -24.14 11.17 -4.34
C PRO A 3 -22.77 10.61 -3.94
N SER A 4 -22.68 9.30 -3.69
CA SER A 4 -21.41 8.69 -3.30
C SER A 4 -21.00 7.53 -4.22
N LEU A 5 -21.66 7.39 -5.36
CA LEU A 5 -21.34 6.31 -6.31
C LEU A 5 -19.89 6.39 -6.79
N SER A 6 -19.44 7.61 -7.08
CA SER A 6 -18.06 7.84 -7.54
C SER A 6 -17.07 7.86 -6.37
N ILE A 7 -17.59 8.07 -5.15
CA ILE A 7 -16.75 8.11 -3.95
C ILE A 7 -16.37 6.73 -3.48
N ASP A 8 -17.36 5.86 -3.42
CA ASP A 8 -17.15 4.47 -2.99
C ASP A 8 -15.92 3.86 -3.68
N LEU A 9 -15.92 3.91 -5.00
CA LEU A 9 -14.82 3.38 -5.80
C LEU A 9 -13.54 4.21 -5.60
N THR A 10 -13.67 5.54 -5.73
CA THR A 10 -12.53 6.44 -5.57
C THR A 10 -11.90 6.28 -4.20
N PHE A 11 -12.72 6.37 -3.15
CA PHE A 11 -12.23 6.21 -1.78
C PHE A 11 -11.50 4.87 -1.61
N HIS A 12 -11.95 3.85 -2.33
CA HIS A 12 -11.34 2.52 -2.27
C HIS A 12 -10.04 2.48 -3.09
N LEU A 13 -10.10 2.99 -4.32
CA LEU A 13 -8.92 3.01 -5.18
C LEU A 13 -7.86 3.98 -4.65
N LEU A 14 -8.29 5.18 -4.25
CA LEU A 14 -7.35 6.17 -3.71
C LEU A 14 -6.74 5.66 -2.41
N ARG A 15 -7.55 5.01 -1.58
CA ARG A 15 -7.06 4.43 -0.34
C ARG A 15 -5.95 3.44 -0.67
N THR A 16 -6.28 2.49 -1.54
CA THR A 16 -5.35 1.47 -1.99
C THR A 16 -4.05 2.09 -2.51
N LEU A 17 -4.17 3.12 -3.36
CA LEU A 17 -3.00 3.78 -3.94
C LEU A 17 -2.07 4.33 -2.86
N LEU A 18 -2.64 4.83 -1.75
CA LEU A 18 -1.84 5.40 -0.67
C LEU A 18 -1.56 4.39 0.46
N GLU A 19 -2.47 3.44 0.66
CA GLU A 19 -2.32 2.44 1.72
C GLU A 19 -1.39 1.31 1.32
N LEU A 20 -1.33 1.04 0.03
CA LEU A 20 -0.45 -0.02 -0.50
C LEU A 20 0.99 0.18 -0.04
N ALA A 21 1.35 1.45 0.17
CA ALA A 21 2.70 1.79 0.65
C ALA A 21 3.05 0.99 1.91
N ARG A 22 2.04 0.63 2.69
CA ARG A 22 2.24 -0.18 3.89
C ARG A 22 2.45 -1.63 3.50
N THR A 23 1.47 -2.18 2.79
CA THR A 23 1.55 -3.56 2.30
C THR A 23 2.90 -3.78 1.62
N GLN A 24 3.28 -2.84 0.75
CA GLN A 24 4.56 -2.90 0.06
C GLN A 24 5.69 -3.05 1.07
N SER A 25 5.81 -2.05 1.96
CA SER A 25 6.83 -2.06 3.01
C SER A 25 6.68 -3.29 3.88
N GLN A 26 5.42 -3.63 4.21
CA GLN A 26 5.10 -4.79 5.03
C GLN A 26 5.91 -6.00 4.58
N ARG A 27 5.86 -6.28 3.28
CA ARG A 27 6.62 -7.39 2.72
C ARG A 27 8.07 -6.95 2.43
N GLU A 28 8.21 -5.70 1.98
CA GLU A 28 9.51 -5.12 1.69
C GLU A 28 10.48 -5.30 2.85
N ARG A 29 10.07 -4.88 4.05
CA ARG A 29 10.92 -5.00 5.24
C ARG A 29 11.48 -6.40 5.42
N ALA A 30 10.72 -7.42 4.98
CA ALA A 30 11.17 -8.80 5.07
C ALA A 30 12.12 -9.14 3.93
N GLU A 31 11.77 -8.70 2.73
CA GLU A 31 12.60 -8.94 1.55
C GLU A 31 13.83 -8.03 1.56
N GLN A 32 13.60 -6.74 1.75
CA GLN A 32 14.68 -5.76 1.83
C GLN A 32 15.73 -6.22 2.84
N ASN A 33 15.26 -6.84 3.93
CA ASN A 33 16.14 -7.36 4.96
C ASN A 33 17.10 -8.39 4.36
N ARG A 34 16.56 -9.32 3.58
CA ARG A 34 17.40 -10.34 2.93
C ARG A 34 18.12 -9.76 1.72
N ILE A 35 17.46 -8.84 1.02
CA ILE A 35 18.05 -8.20 -0.16
C ILE A 35 19.37 -7.51 0.20
N ILE A 36 19.34 -6.74 1.28
CA ILE A 36 20.54 -6.04 1.75
C ILE A 36 21.50 -7.02 2.44
N PHE A 37 20.94 -8.00 3.15
CA PHE A 37 21.74 -9.01 3.86
C PHE A 37 22.84 -9.60 2.99
N ASP A 38 22.58 -9.75 1.69
CA ASP A 38 23.57 -10.30 0.77
C ASP A 38 24.82 -9.43 0.62
N SER A 39 24.80 -8.25 1.22
CA SER A 39 25.93 -7.32 1.17
C SER A 39 26.28 -6.78 2.57
N VAL A 40 26.18 -7.64 3.58
CA VAL A 40 26.47 -7.26 4.96
C VAL A 40 27.32 -8.33 5.66
N ASP A 1 -22.25 22.10 -0.44
CA ASP A 1 -22.64 20.92 -1.27
C ASP A 1 -22.29 19.60 -0.58
N ASN A 2 -22.59 18.48 -1.23
CA ASN A 2 -22.31 17.16 -0.69
C ASN A 2 -21.29 16.42 -1.55
N PRO A 3 -19.99 16.69 -1.35
CA PRO A 3 -18.92 16.06 -2.12
C PRO A 3 -18.53 14.65 -1.63
N SER A 4 -19.23 14.14 -0.61
CA SER A 4 -18.94 12.81 -0.07
C SER A 4 -19.07 11.73 -1.13
N LEU A 5 -19.97 11.95 -2.06
CA LEU A 5 -20.20 11.01 -3.16
C LEU A 5 -18.91 10.77 -3.94
N SER A 6 -18.18 11.85 -4.20
CA SER A 6 -16.92 11.78 -4.92
C SER A 6 -15.83 11.17 -4.02
N ILE A 7 -15.89 11.49 -2.73
CA ILE A 7 -14.93 10.98 -1.77
C ILE A 7 -15.07 9.47 -1.57
N ASP A 8 -16.30 9.05 -1.38
CA ASP A 8 -16.63 7.63 -1.17
C ASP A 8 -15.89 6.75 -2.17
N LEU A 9 -16.10 7.02 -3.45
CA LEU A 9 -15.45 6.26 -4.52
C LEU A 9 -13.95 6.53 -4.57
N THR A 10 -13.57 7.81 -4.51
CA THR A 10 -12.15 8.18 -4.56
C THR A 10 -11.38 7.59 -3.40
N PHE A 11 -11.86 7.80 -2.17
CA PHE A 11 -11.21 7.27 -0.98
C PHE A 11 -11.17 5.74 -1.04
N HIS A 12 -12.19 5.14 -1.67
CA HIS A 12 -12.27 3.69 -1.81
C HIS A 12 -11.29 3.20 -2.87
N LEU A 13 -11.25 3.88 -4.01
CA LEU A 13 -10.36 3.51 -5.10
C LEU A 13 -8.90 3.84 -4.78
N LEU A 14 -8.66 5.05 -4.26
CA LEU A 14 -7.29 5.48 -3.91
C LEU A 14 -6.70 4.60 -2.81
N ARG A 15 -7.56 4.13 -1.89
CA ARG A 15 -7.11 3.26 -0.81
C ARG A 15 -6.20 2.16 -1.36
N THR A 16 -6.63 1.58 -2.47
CA THR A 16 -5.91 0.52 -3.16
C THR A 16 -4.44 0.87 -3.41
N LEU A 17 -4.19 2.06 -3.97
CA LEU A 17 -2.82 2.49 -4.27
C LEU A 17 -1.94 2.53 -3.02
N LEU A 18 -2.52 2.93 -1.89
CA LEU A 18 -1.77 2.99 -0.63
C LEU A 18 -1.78 1.65 0.09
N GLU A 19 -2.90 0.93 0.01
CA GLU A 19 -3.02 -0.39 0.63
C GLU A 19 -1.99 -1.35 0.05
N LEU A 20 -1.88 -1.31 -1.25
CA LEU A 20 -0.92 -2.13 -1.98
C LEU A 20 0.50 -1.70 -1.63
N ALA A 21 0.70 -0.38 -1.56
CA ALA A 21 2.01 0.17 -1.21
C ALA A 21 2.42 -0.33 0.17
N ARG A 22 1.48 -0.29 1.11
CA ARG A 22 1.73 -0.76 2.46
C ARG A 22 2.13 -2.23 2.43
N THR A 23 1.32 -3.06 1.74
CA THR A 23 1.61 -4.49 1.62
C THR A 23 3.00 -4.69 1.03
N GLN A 24 3.30 -3.97 -0.05
CA GLN A 24 4.61 -4.04 -0.69
C GLN A 24 5.69 -3.73 0.35
N SER A 25 5.53 -2.61 1.03
CA SER A 25 6.46 -2.19 2.08
C SER A 25 6.57 -3.26 3.17
N GLN A 26 5.42 -3.74 3.64
CA GLN A 26 5.37 -4.76 4.68
C GLN A 26 6.24 -5.97 4.33
N ARG A 27 6.20 -6.40 3.08
CA ARG A 27 6.99 -7.55 2.64
C ARG A 27 8.42 -7.12 2.27
N GLU A 28 8.56 -5.95 1.67
CA GLU A 28 9.85 -5.42 1.27
C GLU A 28 10.76 -5.17 2.48
N ARG A 29 10.22 -4.55 3.53
CA ARG A 29 10.98 -4.26 4.74
C ARG A 29 11.70 -5.51 5.27
N ALA A 30 11.04 -6.66 5.15
CA ALA A 30 11.60 -7.92 5.60
C ALA A 30 12.64 -8.44 4.61
N GLU A 31 12.34 -8.30 3.33
CA GLU A 31 13.26 -8.74 2.27
C GLU A 31 14.46 -7.80 2.17
N GLN A 32 14.19 -6.49 2.07
CA GLN A 32 15.28 -5.52 1.99
C GLN A 32 16.27 -5.73 3.13
N ASN A 33 15.74 -6.06 4.31
CA ASN A 33 16.57 -6.33 5.48
C ASN A 33 17.55 -7.46 5.17
N ARG A 34 17.04 -8.55 4.59
CA ARG A 34 17.89 -9.69 4.24
C ARG A 34 18.66 -9.42 2.95
N ILE A 35 18.05 -8.67 2.03
CA ILE A 35 18.69 -8.30 0.77
C ILE A 35 19.92 -7.45 1.05
N ILE A 36 19.74 -6.46 1.91
CA ILE A 36 20.84 -5.57 2.29
C ILE A 36 21.85 -6.32 3.17
N PHE A 37 21.35 -7.16 4.07
CA PHE A 37 22.20 -7.95 4.96
C PHE A 37 23.27 -8.71 4.16
N ASP A 38 22.85 -9.32 3.06
CA ASP A 38 23.74 -10.08 2.19
C ASP A 38 24.34 -9.21 1.07
N SER A 39 24.19 -7.88 1.19
CA SER A 39 24.69 -6.96 0.19
C SER A 39 24.76 -5.54 0.74
N VAL A 40 25.58 -5.34 1.75
CA VAL A 40 25.74 -4.03 2.39
C VAL A 40 27.17 -3.49 2.23
N ASP A 1 -19.90 20.99 -1.32
CA ASP A 1 -19.27 19.64 -1.38
C ASP A 1 -20.23 18.62 -2.01
N ASN A 2 -19.80 17.35 -2.04
CA ASN A 2 -20.62 16.27 -2.60
C ASN A 2 -21.11 15.32 -1.50
N PRO A 3 -22.37 14.86 -1.59
CA PRO A 3 -22.94 13.93 -0.59
C PRO A 3 -22.30 12.55 -0.64
N SER A 4 -20.99 12.51 -0.45
CA SER A 4 -20.22 11.26 -0.48
C SER A 4 -20.33 10.56 -1.82
N LEU A 5 -20.12 11.33 -2.88
CA LEU A 5 -20.17 10.78 -4.24
C LEU A 5 -18.75 10.69 -4.78
N SER A 6 -18.07 11.83 -4.79
CA SER A 6 -16.69 11.91 -5.26
C SER A 6 -15.71 11.47 -4.15
N ILE A 7 -16.17 11.48 -2.90
CA ILE A 7 -15.32 11.07 -1.77
C ILE A 7 -15.60 9.62 -1.35
N ASP A 8 -16.51 8.96 -2.07
CA ASP A 8 -16.85 7.57 -1.77
C ASP A 8 -16.04 6.64 -2.67
N LEU A 9 -16.10 6.90 -3.97
CA LEU A 9 -15.37 6.10 -4.96
C LEU A 9 -13.86 6.39 -4.91
N THR A 10 -13.49 7.67 -5.01
CA THR A 10 -12.08 8.07 -4.99
C THR A 10 -11.39 7.59 -3.72
N PHE A 11 -11.94 7.93 -2.56
CA PHE A 11 -11.36 7.51 -1.29
C PHE A 11 -11.28 5.98 -1.19
N HIS A 12 -12.23 5.30 -1.84
CA HIS A 12 -12.25 3.83 -1.84
C HIS A 12 -11.22 3.27 -2.82
N LEU A 13 -11.18 3.82 -4.04
CA LEU A 13 -10.23 3.35 -5.05
C LEU A 13 -8.80 3.74 -4.69
N LEU A 14 -8.62 4.97 -4.20
CA LEU A 14 -7.28 5.44 -3.81
C LEU A 14 -6.71 4.60 -2.67
N ARG A 15 -7.59 4.10 -1.79
CA ARG A 15 -7.16 3.26 -0.67
C ARG A 15 -6.21 2.18 -1.16
N THR A 16 -6.67 1.41 -2.16
CA THR A 16 -5.87 0.32 -2.74
C THR A 16 -4.44 0.77 -3.09
N LEU A 17 -4.32 1.94 -3.73
CA LEU A 17 -2.99 2.46 -4.12
C LEU A 17 -2.05 2.54 -2.91
N LEU A 18 -2.58 2.92 -1.75
CA LEU A 18 -1.78 3.00 -0.53
C LEU A 18 -1.76 1.66 0.21
N GLU A 19 -2.90 0.96 0.18
CA GLU A 19 -3.02 -0.34 0.84
C GLU A 19 -1.98 -1.31 0.31
N LEU A 20 -1.86 -1.32 -1.00
CA LEU A 20 -0.88 -2.17 -1.67
C LEU A 20 0.53 -1.74 -1.29
N ALA A 21 0.75 -0.41 -1.22
CA ALA A 21 2.04 0.14 -0.84
C ALA A 21 2.42 -0.31 0.57
N ARG A 22 1.44 -0.29 1.46
CA ARG A 22 1.65 -0.72 2.84
C ARG A 22 2.04 -2.19 2.88
N THR A 23 1.23 -3.03 2.24
CA THR A 23 1.51 -4.47 2.17
C THR A 23 2.86 -4.70 1.51
N GLN A 24 3.12 -3.96 0.41
CA GLN A 24 4.38 -4.06 -0.29
C GLN A 24 5.51 -3.70 0.66
N SER A 25 5.37 -2.56 1.32
CA SER A 25 6.36 -2.12 2.30
C SER A 25 6.57 -3.21 3.35
N GLN A 26 5.46 -3.76 3.85
CA GLN A 26 5.48 -4.81 4.85
C GLN A 26 6.36 -5.99 4.41
N ARG A 27 6.29 -6.35 3.13
CA ARG A 27 7.12 -7.44 2.61
C ARG A 27 8.50 -6.92 2.20
N GLU A 28 8.52 -5.74 1.58
CA GLU A 28 9.76 -5.11 1.15
C GLU A 28 10.73 -4.96 2.32
N ARG A 29 10.25 -4.37 3.41
CA ARG A 29 11.07 -4.17 4.61
C ARG A 29 11.71 -5.49 5.07
N ALA A 30 10.97 -6.58 4.93
CA ALA A 30 11.47 -7.90 5.31
C ALA A 30 12.53 -8.36 4.33
N GLU A 31 12.25 -8.14 3.05
CA GLU A 31 13.19 -8.50 1.99
C GLU A 31 14.39 -7.58 2.01
N GLN A 32 14.14 -6.27 1.98
CA GLN A 32 15.21 -5.28 2.02
C GLN A 32 16.18 -5.61 3.16
N ASN A 33 15.64 -5.98 4.31
CA ASN A 33 16.46 -6.35 5.46
C ASN A 33 17.43 -7.47 5.07
N ARG A 34 16.93 -8.50 4.38
CA ARG A 34 17.77 -9.60 3.94
C ARG A 34 18.56 -9.22 2.69
N ILE A 35 17.97 -8.38 1.83
CA ILE A 35 18.63 -7.91 0.62
C ILE A 35 19.93 -7.21 0.97
N ILE A 36 19.86 -6.29 1.93
CA ILE A 36 21.04 -5.57 2.40
C ILE A 36 22.00 -6.55 3.08
N PHE A 37 21.42 -7.49 3.83
CA PHE A 37 22.21 -8.51 4.52
C PHE A 37 23.05 -9.33 3.54
N ASP A 38 22.59 -9.45 2.30
CA ASP A 38 23.31 -10.19 1.26
C ASP A 38 24.56 -9.44 0.77
N SER A 39 24.82 -8.26 1.34
CA SER A 39 25.97 -7.42 0.98
C SER A 39 25.75 -6.68 -0.34
N VAL A 40 24.48 -6.61 -0.79
CA VAL A 40 24.12 -5.92 -2.04
C VAL A 40 24.58 -6.70 -3.28
N ASP A 1 -29.66 7.53 -6.59
CA ASP A 1 -28.20 7.52 -6.31
C ASP A 1 -27.87 8.32 -5.05
N ASN A 2 -26.59 8.31 -4.64
CA ASN A 2 -26.14 9.05 -3.45
C ASN A 2 -25.04 10.03 -3.80
N PRO A 3 -25.12 11.28 -3.29
CA PRO A 3 -24.11 12.33 -3.56
C PRO A 3 -22.67 11.90 -3.26
N SER A 4 -22.51 10.85 -2.46
CA SER A 4 -21.19 10.35 -2.09
C SER A 4 -20.75 9.18 -2.98
N LEU A 5 -21.49 8.91 -4.06
CA LEU A 5 -21.14 7.82 -4.97
C LEU A 5 -19.75 8.02 -5.57
N SER A 6 -19.44 9.26 -5.95
CA SER A 6 -18.14 9.58 -6.51
C SER A 6 -17.02 9.40 -5.49
N ILE A 7 -17.34 9.71 -4.23
CA ILE A 7 -16.38 9.57 -3.13
C ILE A 7 -16.19 8.13 -2.72
N ASP A 8 -17.29 7.41 -2.64
CA ASP A 8 -17.28 6.00 -2.28
C ASP A 8 -16.20 5.24 -3.04
N LEU A 9 -16.27 5.32 -4.37
CA LEU A 9 -15.29 4.66 -5.23
C LEU A 9 -13.91 5.32 -5.14
N THR A 10 -13.88 6.65 -5.26
CA THR A 10 -12.62 7.39 -5.19
C THR A 10 -11.88 7.12 -3.89
N PHE A 11 -12.56 7.30 -2.76
CA PHE A 11 -11.97 7.04 -1.46
C PHE A 11 -11.55 5.57 -1.33
N HIS A 12 -12.29 4.69 -2.01
CA HIS A 12 -11.99 3.25 -1.99
C HIS A 12 -10.82 2.92 -2.89
N LEU A 13 -10.82 3.49 -4.11
CA LEU A 13 -9.74 3.25 -5.07
C LEU A 13 -8.45 3.96 -4.65
N LEU A 14 -8.56 5.22 -4.22
CA LEU A 14 -7.38 5.98 -3.78
C LEU A 14 -6.75 5.34 -2.54
N ARG A 15 -7.58 4.83 -1.64
CA ARG A 15 -7.10 4.18 -0.43
C ARG A 15 -6.05 3.13 -0.81
N THR A 16 -6.45 2.18 -1.63
CA THR A 16 -5.57 1.11 -2.10
C THR A 16 -4.22 1.66 -2.59
N LEU A 17 -4.24 2.78 -3.31
CA LEU A 17 -3.01 3.39 -3.83
C LEU A 17 -2.00 3.63 -2.68
N LEU A 18 -2.51 4.07 -1.52
CA LEU A 18 -1.66 4.31 -0.36
C LEU A 18 -1.61 3.07 0.56
N GLU A 19 -2.58 2.17 0.39
CA GLU A 19 -2.66 0.94 1.17
C GLU A 19 -1.68 -0.11 0.65
N LEU A 20 -1.55 -0.14 -0.65
CA LEU A 20 -0.66 -1.08 -1.33
C LEU A 20 0.79 -0.83 -0.92
N ALA A 21 1.18 0.45 -0.84
CA ALA A 21 2.53 0.83 -0.43
C ALA A 21 2.90 0.16 0.88
N ARG A 22 2.00 0.23 1.85
CA ARG A 22 2.20 -0.38 3.17
C ARG A 22 2.32 -1.89 3.02
N THR A 23 1.32 -2.50 2.36
CA THR A 23 1.33 -3.95 2.15
C THR A 23 2.63 -4.38 1.46
N GLN A 24 3.00 -3.66 0.40
CA GLN A 24 4.23 -3.96 -0.32
C GLN A 24 5.42 -3.77 0.62
N SER A 25 5.45 -2.62 1.30
CA SER A 25 6.51 -2.32 2.26
C SER A 25 6.61 -3.44 3.29
N GLN A 26 5.44 -3.86 3.78
CA GLN A 26 5.35 -4.94 4.77
C GLN A 26 6.24 -6.12 4.40
N ARG A 27 6.17 -6.54 3.14
CA ARG A 27 6.99 -7.64 2.65
C ARG A 27 8.34 -7.13 2.16
N GLU A 28 8.33 -5.99 1.48
CA GLU A 28 9.54 -5.36 0.97
C GLU A 28 10.60 -5.25 2.06
N ARG A 29 10.23 -4.66 3.19
CA ARG A 29 11.14 -4.49 4.32
C ARG A 29 11.73 -5.82 4.77
N ALA A 30 10.90 -6.86 4.79
CA ALA A 30 11.35 -8.20 5.18
C ALA A 30 12.35 -8.72 4.16
N GLU A 31 12.06 -8.45 2.88
CA GLU A 31 12.93 -8.85 1.78
C GLU A 31 14.17 -7.97 1.76
N GLN A 32 13.96 -6.66 1.72
CA GLN A 32 15.06 -5.70 1.72
C GLN A 32 16.02 -6.02 2.86
N ASN A 33 15.49 -6.35 4.04
CA ASN A 33 16.32 -6.70 5.20
C ASN A 33 17.24 -7.88 4.85
N ARG A 34 16.70 -8.89 4.15
CA ARG A 34 17.50 -10.04 3.77
C ARG A 34 18.32 -9.75 2.50
N ILE A 35 17.78 -8.89 1.64
CA ILE A 35 18.48 -8.50 0.41
C ILE A 35 19.79 -7.78 0.73
N ILE A 36 19.70 -6.76 1.57
CA ILE A 36 20.87 -5.98 1.98
C ILE A 36 21.81 -6.82 2.86
N PHE A 37 21.23 -7.73 3.65
CA PHE A 37 22.01 -8.60 4.54
C PHE A 37 23.17 -9.29 3.81
N ASP A 38 22.98 -9.58 2.52
CA ASP A 38 24.02 -10.23 1.73
C ASP A 38 25.10 -9.25 1.22
N SER A 39 25.06 -8.01 1.71
CA SER A 39 26.03 -6.97 1.32
C SER A 39 25.82 -6.50 -0.12
N VAL A 40 24.61 -6.00 -0.39
CA VAL A 40 24.27 -5.48 -1.72
C VAL A 40 23.25 -4.34 -1.62
N ASP A 1 -26.92 7.65 5.57
CA ASP A 1 -26.59 8.29 4.27
C ASP A 1 -27.27 7.56 3.11
N ASN A 2 -26.74 7.73 1.89
CA ASN A 2 -27.30 7.07 0.71
C ASN A 2 -26.34 7.13 -0.49
N PRO A 3 -26.02 8.34 -1.00
CA PRO A 3 -25.12 8.51 -2.15
C PRO A 3 -23.64 8.29 -1.79
N SER A 4 -23.31 7.08 -1.32
CA SER A 4 -21.93 6.75 -0.96
C SER A 4 -21.32 5.72 -1.92
N LEU A 5 -22.03 5.41 -3.01
CA LEU A 5 -21.54 4.45 -3.99
C LEU A 5 -20.24 4.92 -4.64
N SER A 6 -20.22 6.18 -5.06
CA SER A 6 -19.04 6.78 -5.69
C SER A 6 -17.90 6.95 -4.69
N ILE A 7 -18.24 7.00 -3.39
CA ILE A 7 -17.24 7.16 -2.34
C ILE A 7 -16.61 5.84 -1.98
N ASP A 8 -17.44 4.82 -1.82
CA ASP A 8 -16.94 3.48 -1.48
C ASP A 8 -15.79 3.09 -2.40
N LEU A 9 -16.06 3.11 -3.71
CA LEU A 9 -15.06 2.76 -4.71
C LEU A 9 -13.85 3.71 -4.62
N THR A 10 -14.13 5.01 -4.50
CA THR A 10 -13.06 6.02 -4.39
C THR A 10 -12.29 5.79 -3.10
N PHE A 11 -13.01 5.74 -1.98
CA PHE A 11 -12.39 5.50 -0.68
C PHE A 11 -11.48 4.28 -0.73
N HIS A 12 -11.89 3.27 -1.49
CA HIS A 12 -11.12 2.03 -1.63
C HIS A 12 -9.93 2.22 -2.58
N LEU A 13 -10.16 2.81 -3.74
CA LEU A 13 -9.08 3.02 -4.71
C LEU A 13 -8.05 4.02 -4.17
N LEU A 14 -8.52 5.12 -3.57
CA LEU A 14 -7.61 6.12 -3.00
C LEU A 14 -6.80 5.49 -1.86
N ARG A 15 -7.48 4.70 -1.02
CA ARG A 15 -6.82 4.01 0.08
C ARG A 15 -5.73 3.09 -0.48
N THR A 16 -6.10 2.32 -1.49
CA THR A 16 -5.17 1.40 -2.16
C THR A 16 -4.02 2.17 -2.81
N LEU A 17 -4.34 3.27 -3.48
CA LEU A 17 -3.31 4.08 -4.14
C LEU A 17 -2.34 4.69 -3.13
N LEU A 18 -2.87 5.15 -1.99
CA LEU A 18 -2.03 5.77 -0.95
C LEU A 18 -1.36 4.70 -0.08
N GLU A 19 -2.04 3.58 0.14
CA GLU A 19 -1.50 2.50 0.98
C GLU A 19 -0.67 1.49 0.17
N LEU A 20 -0.58 1.70 -1.15
CA LEU A 20 0.19 0.81 -2.01
C LEU A 20 1.66 0.80 -1.57
N ALA A 21 2.19 1.98 -1.25
CA ALA A 21 3.57 2.10 -0.79
C ALA A 21 3.78 1.31 0.49
N ARG A 22 2.85 1.46 1.43
CA ARG A 22 2.89 0.74 2.70
C ARG A 22 2.82 -0.77 2.45
N THR A 23 1.82 -1.18 1.67
CA THR A 23 1.64 -2.59 1.32
C THR A 23 2.89 -3.12 0.62
N GLN A 24 3.41 -2.33 -0.34
CA GLN A 24 4.62 -2.71 -1.04
C GLN A 24 5.79 -2.78 -0.07
N SER A 25 5.92 -1.73 0.75
CA SER A 25 6.96 -1.70 1.78
C SER A 25 6.81 -2.89 2.69
N GLN A 26 5.55 -3.19 3.07
CA GLN A 26 5.25 -4.33 3.93
C GLN A 26 5.98 -5.60 3.47
N ARG A 27 5.97 -5.83 2.16
CA ARG A 27 6.66 -6.99 1.60
C ARG A 27 8.14 -6.65 1.35
N GLU A 28 8.37 -5.46 0.83
CA GLU A 28 9.72 -4.97 0.56
C GLU A 28 10.57 -5.03 1.82
N ARG A 29 10.05 -4.47 2.91
CA ARG A 29 10.74 -4.46 4.19
C ARG A 29 11.16 -5.87 4.62
N ALA A 30 10.35 -6.86 4.26
CA ALA A 30 10.64 -8.25 4.59
C ALA A 30 11.73 -8.80 3.67
N GLU A 31 11.64 -8.44 2.39
CA GLU A 31 12.64 -8.87 1.40
C GLU A 31 13.93 -8.09 1.59
N GLN A 32 13.83 -6.77 1.53
CA GLN A 32 14.99 -5.90 1.71
C GLN A 32 15.76 -6.30 2.97
N ASN A 33 15.01 -6.74 4.00
CA ASN A 33 15.61 -7.18 5.24
C ASN A 33 16.60 -8.31 4.99
N ARG A 34 16.19 -9.30 4.18
CA ARG A 34 17.09 -10.41 3.85
C ARG A 34 18.02 -10.02 2.71
N ILE A 35 17.53 -9.18 1.80
CA ILE A 35 18.33 -8.71 0.67
C ILE A 35 19.60 -8.03 1.17
N ILE A 36 19.42 -7.07 2.08
CA ILE A 36 20.54 -6.35 2.68
C ILE A 36 21.35 -7.29 3.59
N PHE A 37 20.64 -8.11 4.37
CA PHE A 37 21.28 -9.05 5.28
C PHE A 37 22.28 -9.94 4.54
N ASP A 38 21.95 -10.29 3.28
CA ASP A 38 22.81 -11.13 2.47
C ASP A 38 24.06 -10.40 1.97
N SER A 39 24.22 -9.13 2.35
CA SER A 39 25.39 -8.32 1.98
C SER A 39 25.40 -7.98 0.48
N VAL A 40 24.31 -7.38 0.02
CA VAL A 40 24.18 -6.97 -1.38
C VAL A 40 23.39 -5.66 -1.52
N ASP A 1 -30.06 11.79 -0.50
CA ASP A 1 -29.10 11.08 0.39
C ASP A 1 -28.27 10.06 -0.39
N ASN A 2 -27.17 9.61 0.22
CA ASN A 2 -26.29 8.62 -0.42
C ASN A 2 -25.60 7.73 0.62
N PRO A 3 -25.77 6.40 0.52
CA PRO A 3 -25.14 5.44 1.44
C PRO A 3 -23.67 5.16 1.08
N SER A 4 -22.95 6.20 0.69
CA SER A 4 -21.53 6.08 0.30
C SER A 4 -21.28 4.95 -0.70
N LEU A 5 -22.28 4.67 -1.55
CA LEU A 5 -22.16 3.61 -2.56
C LEU A 5 -20.95 3.83 -3.48
N SER A 6 -20.85 5.03 -4.03
CA SER A 6 -19.75 5.38 -4.92
C SER A 6 -18.44 5.55 -4.13
N ILE A 7 -18.58 5.87 -2.85
CA ILE A 7 -17.42 6.06 -1.97
C ILE A 7 -16.80 4.74 -1.58
N ASP A 8 -17.63 3.83 -1.11
CA ASP A 8 -17.18 2.50 -0.68
C ASP A 8 -16.19 1.89 -1.68
N LEU A 9 -16.55 1.93 -2.95
CA LEU A 9 -15.69 1.38 -4.01
C LEU A 9 -14.49 2.30 -4.28
N THR A 10 -14.75 3.60 -4.40
CA THR A 10 -13.69 4.59 -4.67
C THR A 10 -12.70 4.66 -3.51
N PHE A 11 -13.22 4.78 -2.29
CA PHE A 11 -12.38 4.85 -1.10
C PHE A 11 -11.46 3.63 -1.00
N HIS A 12 -11.94 2.47 -1.47
CA HIS A 12 -11.17 1.23 -1.44
C HIS A 12 -10.17 1.18 -2.58
N LEU A 13 -10.53 1.68 -3.75
CA LEU A 13 -9.61 1.68 -4.89
C LEU A 13 -8.58 2.80 -4.73
N LEU A 14 -9.03 3.99 -4.33
CA LEU A 14 -8.14 5.13 -4.12
C LEU A 14 -7.18 4.88 -2.95
N ARG A 15 -7.60 4.04 -2.00
CA ARG A 15 -6.77 3.71 -0.85
C ARG A 15 -5.38 3.27 -1.34
N THR A 16 -5.36 2.57 -2.47
CA THR A 16 -4.13 2.09 -3.09
C THR A 16 -3.12 3.22 -3.33
N LEU A 17 -3.60 4.39 -3.77
CA LEU A 17 -2.71 5.52 -4.05
C LEU A 17 -2.04 6.05 -2.77
N LEU A 18 -2.78 6.07 -1.67
CA LEU A 18 -2.25 6.55 -0.38
C LEU A 18 -1.60 5.41 0.40
N GLU A 19 -2.10 4.19 0.22
CA GLU A 19 -1.56 3.02 0.92
C GLU A 19 -0.43 2.35 0.12
N LEU A 20 -0.07 2.92 -1.02
CA LEU A 20 1.02 2.36 -1.84
C LEU A 20 2.34 2.45 -1.07
N ALA A 21 2.59 3.62 -0.46
CA ALA A 21 3.80 3.80 0.34
C ALA A 21 3.85 2.73 1.44
N ARG A 22 2.67 2.38 1.93
CA ARG A 22 2.53 1.35 2.95
C ARG A 22 2.75 -0.02 2.32
N THR A 23 2.02 -0.31 1.23
CA THR A 23 2.18 -1.59 0.53
C THR A 23 3.65 -1.80 0.17
N GLN A 24 4.28 -0.76 -0.38
CA GLN A 24 5.69 -0.83 -0.74
C GLN A 24 6.52 -1.18 0.50
N SER A 25 6.35 -0.38 1.54
CA SER A 25 7.06 -0.60 2.80
C SER A 25 6.78 -1.97 3.40
N GLN A 26 5.49 -2.37 3.40
CA GLN A 26 5.09 -3.66 3.96
C GLN A 26 5.86 -4.83 3.35
N ARG A 27 6.07 -4.80 2.04
CA ARG A 27 6.82 -5.87 1.37
C ARG A 27 8.32 -5.59 1.39
N GLU A 28 8.70 -4.31 1.28
CA GLU A 28 10.09 -3.91 1.32
C GLU A 28 10.80 -4.47 2.54
N ARG A 29 10.21 -4.24 3.71
CA ARG A 29 10.77 -4.73 4.98
C ARG A 29 11.08 -6.22 4.93
N ALA A 30 10.25 -6.98 4.22
CA ALA A 30 10.43 -8.41 4.07
C ALA A 30 11.54 -8.72 3.05
N GLU A 31 11.53 -7.98 1.94
CA GLU A 31 12.54 -8.15 0.90
C GLU A 31 13.88 -7.66 1.39
N GLN A 32 13.92 -6.43 1.87
CA GLN A 32 15.16 -5.86 2.40
C GLN A 32 15.78 -6.80 3.42
N ASN A 33 14.94 -7.44 4.22
CA ASN A 33 15.41 -8.41 5.22
C ASN A 33 16.19 -9.53 4.54
N ARG A 34 15.64 -10.07 3.45
CA ARG A 34 16.29 -11.15 2.71
C ARG A 34 17.37 -10.61 1.77
N ILE A 35 17.15 -9.40 1.25
CA ILE A 35 18.11 -8.77 0.34
C ILE A 35 19.40 -8.40 1.06
N ILE A 36 19.27 -7.83 2.26
CA ILE A 36 20.42 -7.44 3.06
C ILE A 36 21.08 -8.65 3.73
N PHE A 37 20.27 -9.65 4.08
CA PHE A 37 20.77 -10.87 4.73
C PHE A 37 21.94 -11.49 3.96
N ASP A 38 21.93 -11.34 2.63
CA ASP A 38 22.99 -11.89 1.78
C ASP A 38 24.27 -11.04 1.78
N SER A 39 24.39 -10.09 2.72
CA SER A 39 25.57 -9.25 2.80
C SER A 39 25.70 -8.60 4.19
N VAL A 40 25.85 -9.45 5.20
CA VAL A 40 25.97 -8.97 6.59
C VAL A 40 27.40 -9.18 7.11
N ASP A 1 -29.78 4.72 -4.79
CA ASP A 1 -29.83 4.89 -3.30
C ASP A 1 -28.44 4.73 -2.69
N ASN A 2 -28.39 4.60 -1.36
CA ASN A 2 -27.13 4.43 -0.63
C ASN A 2 -26.20 5.64 -0.82
N PRO A 3 -26.11 6.52 0.20
CA PRO A 3 -25.26 7.71 0.15
C PRO A 3 -23.76 7.40 0.32
N SER A 4 -23.40 6.12 0.39
CA SER A 4 -21.99 5.72 0.54
C SER A 4 -21.53 4.80 -0.59
N LEU A 5 -22.31 4.71 -1.67
CA LEU A 5 -21.95 3.87 -2.81
C LEU A 5 -20.67 4.36 -3.50
N SER A 6 -20.57 5.68 -3.68
CA SER A 6 -19.40 6.28 -4.33
C SER A 6 -18.20 6.29 -3.39
N ILE A 7 -18.47 6.41 -2.09
CA ILE A 7 -17.41 6.43 -1.07
C ILE A 7 -16.67 5.10 -1.01
N ASP A 8 -17.44 4.04 -0.89
CA ASP A 8 -16.89 2.68 -0.81
C ASP A 8 -15.82 2.43 -1.87
N LEU A 9 -16.10 2.82 -3.11
CA LEU A 9 -15.15 2.63 -4.21
C LEU A 9 -14.06 3.70 -4.22
N THR A 10 -14.46 4.98 -4.21
CA THR A 10 -13.49 6.08 -4.23
C THR A 10 -12.51 5.98 -3.07
N PHE A 11 -13.03 5.77 -1.85
CA PHE A 11 -12.17 5.62 -0.67
C PHE A 11 -11.29 4.37 -0.79
N HIS A 12 -11.70 3.44 -1.65
CA HIS A 12 -10.95 2.20 -1.88
C HIS A 12 -9.89 2.43 -2.96
N LEU A 13 -10.32 3.01 -4.09
CA LEU A 13 -9.41 3.28 -5.20
C LEU A 13 -8.33 4.30 -4.79
N LEU A 14 -8.74 5.41 -4.18
CA LEU A 14 -7.79 6.43 -3.73
C LEU A 14 -6.87 5.87 -2.65
N ARG A 15 -7.43 5.06 -1.75
CA ARG A 15 -6.65 4.42 -0.70
C ARG A 15 -5.57 3.57 -1.35
N THR A 16 -5.97 2.79 -2.34
CA THR A 16 -5.06 1.91 -3.08
C THR A 16 -3.83 2.68 -3.57
N LEU A 17 -4.00 3.94 -3.98
CA LEU A 17 -2.87 4.74 -4.47
C LEU A 17 -1.94 5.18 -3.32
N LEU A 18 -2.44 5.17 -2.08
CA LEU A 18 -1.63 5.57 -0.92
C LEU A 18 -1.21 4.38 -0.07
N GLU A 19 -2.06 3.35 -0.01
CA GLU A 19 -1.77 2.15 0.79
C GLU A 19 -0.79 1.21 0.09
N LEU A 20 -0.53 1.48 -1.18
CA LEU A 20 0.40 0.66 -1.97
C LEU A 20 1.82 0.74 -1.38
N ALA A 21 2.22 1.93 -0.97
CA ALA A 21 3.55 2.12 -0.37
C ALA A 21 3.70 1.24 0.86
N ARG A 22 2.68 1.25 1.71
CA ARG A 22 2.67 0.43 2.92
C ARG A 22 2.60 -1.05 2.55
N THR A 23 1.69 -1.39 1.64
CA THR A 23 1.54 -2.77 1.18
C THR A 23 2.84 -3.27 0.55
N GLN A 24 3.45 -2.45 -0.30
CA GLN A 24 4.71 -2.81 -0.94
C GLN A 24 5.80 -2.95 0.13
N SER A 25 5.88 -1.96 1.01
CA SER A 25 6.85 -1.98 2.10
C SER A 25 6.62 -3.19 3.01
N GLN A 26 5.34 -3.47 3.31
CA GLN A 26 4.96 -4.60 4.15
C GLN A 26 5.78 -5.84 3.80
N ARG A 27 5.99 -6.07 2.51
CA ARG A 27 6.78 -7.20 2.03
C ARG A 27 8.24 -6.78 1.83
N GLU A 28 8.44 -5.59 1.26
CA GLU A 28 9.77 -5.05 1.01
C GLU A 28 10.61 -5.00 2.29
N ARG A 29 10.01 -4.51 3.38
CA ARG A 29 10.69 -4.42 4.67
C ARG A 29 11.35 -5.75 5.07
N ALA A 30 10.65 -6.85 4.83
CA ALA A 30 11.16 -8.18 5.14
C ALA A 30 12.14 -8.64 4.07
N GLU A 31 11.82 -8.33 2.81
CA GLU A 31 12.68 -8.68 1.69
C GLU A 31 13.97 -7.88 1.74
N GLN A 32 13.85 -6.56 1.84
CA GLN A 32 15.03 -5.70 1.94
C GLN A 32 15.92 -6.18 3.09
N ASN A 33 15.28 -6.62 4.17
CA ASN A 33 15.98 -7.13 5.32
C ASN A 33 16.85 -8.33 4.91
N ARG A 34 16.25 -9.29 4.19
CA ARG A 34 16.99 -10.45 3.73
C ARG A 34 17.94 -10.05 2.59
N ILE A 35 17.52 -9.10 1.77
CA ILE A 35 18.35 -8.61 0.67
C ILE A 35 19.61 -7.94 1.21
N ILE A 36 19.43 -7.09 2.21
CA ILE A 36 20.54 -6.38 2.84
C ILE A 36 21.39 -7.37 3.63
N PHE A 37 20.73 -8.21 4.44
CA PHE A 37 21.43 -9.24 5.22
C PHE A 37 22.36 -10.06 4.34
N ASP A 38 21.89 -10.41 3.15
CA ASP A 38 22.67 -11.21 2.21
C ASP A 38 23.62 -10.34 1.36
N SER A 39 23.68 -9.04 1.63
CA SER A 39 24.56 -8.13 0.89
C SER A 39 25.41 -7.25 1.80
N VAL A 40 25.51 -7.61 3.09
CA VAL A 40 26.29 -6.86 4.07
C VAL A 40 25.55 -5.61 4.56
N ASP A 1 -31.05 13.02 0.72
CA ASP A 1 -30.60 11.89 -0.14
C ASP A 1 -29.27 11.32 0.35
N ASN A 2 -28.75 10.32 -0.36
CA ASN A 2 -27.48 9.68 0.01
C ASN A 2 -26.52 9.63 -1.18
N PRO A 3 -25.98 10.79 -1.59
CA PRO A 3 -25.04 10.87 -2.72
C PRO A 3 -23.62 10.40 -2.36
N SER A 4 -23.51 9.18 -1.83
CA SER A 4 -22.19 8.63 -1.45
C SER A 4 -21.71 7.56 -2.43
N LEU A 5 -22.43 7.38 -3.54
CA LEU A 5 -22.07 6.40 -4.56
C LEU A 5 -20.67 6.67 -5.12
N SER A 6 -20.44 7.92 -5.52
CA SER A 6 -19.14 8.32 -6.07
C SER A 6 -18.05 8.23 -5.01
N ILE A 7 -18.42 8.41 -3.75
CA ILE A 7 -17.47 8.34 -2.63
C ILE A 7 -17.05 6.92 -2.36
N ASP A 8 -18.02 6.04 -2.23
CA ASP A 8 -17.79 4.62 -1.98
C ASP A 8 -16.69 4.08 -2.89
N LEU A 9 -16.89 4.23 -4.19
CA LEU A 9 -15.90 3.76 -5.18
C LEU A 9 -14.61 4.56 -5.10
N THR A 10 -14.71 5.90 -5.09
CA THR A 10 -13.52 6.76 -5.03
C THR A 10 -12.70 6.47 -3.78
N PHE A 11 -13.33 6.55 -2.61
CA PHE A 11 -12.65 6.28 -1.35
C PHE A 11 -12.05 4.87 -1.34
N HIS A 12 -12.69 3.94 -2.05
CA HIS A 12 -12.21 2.56 -2.12
C HIS A 12 -11.13 2.39 -3.19
N LEU A 13 -11.31 3.02 -4.34
CA LEU A 13 -10.32 2.92 -5.42
C LEU A 13 -9.06 3.70 -5.07
N LEU A 14 -9.22 4.90 -4.49
CA LEU A 14 -8.08 5.72 -4.10
C LEU A 14 -7.30 5.08 -2.93
N ARG A 15 -7.99 4.29 -2.12
CA ARG A 15 -7.37 3.62 -0.99
C ARG A 15 -6.14 2.82 -1.44
N THR A 16 -6.25 2.18 -2.61
CA THR A 16 -5.17 1.37 -3.16
C THR A 16 -3.89 2.18 -3.41
N LEU A 17 -4.05 3.44 -3.87
CA LEU A 17 -2.89 4.29 -4.14
C LEU A 17 -2.12 4.66 -2.86
N LEU A 18 -2.81 4.67 -1.72
CA LEU A 18 -2.18 5.01 -0.44
C LEU A 18 -1.86 3.78 0.40
N GLU A 19 -2.73 2.78 0.37
CA GLU A 19 -2.53 1.55 1.14
C GLU A 19 -1.37 0.70 0.61
N LEU A 20 -0.95 1.00 -0.61
CA LEU A 20 0.15 0.28 -1.23
C LEU A 20 1.47 0.62 -0.54
N ALA A 21 1.63 1.88 -0.13
CA ALA A 21 2.85 2.30 0.56
C ALA A 21 3.12 1.40 1.77
N ARG A 22 2.07 1.09 2.52
CA ARG A 22 2.20 0.21 3.68
C ARG A 22 2.40 -1.24 3.24
N THR A 23 1.65 -1.67 2.21
CA THR A 23 1.79 -3.03 1.69
C THR A 23 3.17 -3.22 1.08
N GLN A 24 3.65 -2.21 0.35
CA GLN A 24 4.98 -2.27 -0.25
C GLN A 24 6.03 -2.38 0.85
N SER A 25 5.94 -1.47 1.82
CA SER A 25 6.84 -1.45 2.96
C SER A 25 6.84 -2.78 3.70
N GLN A 26 5.63 -3.29 3.99
CA GLN A 26 5.47 -4.56 4.70
C GLN A 26 6.31 -5.69 4.09
N ARG A 27 6.43 -5.71 2.77
CA ARG A 27 7.23 -6.73 2.08
C ARG A 27 8.68 -6.27 1.99
N GLU A 28 8.86 -5.02 1.58
CA GLU A 28 10.17 -4.43 1.44
C GLU A 28 11.00 -4.61 2.70
N ARG A 29 10.41 -4.29 3.86
CA ARG A 29 11.10 -4.43 5.15
C ARG A 29 11.66 -5.84 5.32
N ALA A 30 10.90 -6.84 4.89
CA ALA A 30 11.31 -8.23 4.99
C ALA A 30 12.29 -8.59 3.89
N GLU A 31 12.03 -8.10 2.68
CA GLU A 31 12.89 -8.36 1.53
C GLU A 31 14.23 -7.64 1.68
N GLN A 32 14.16 -6.35 2.00
CA GLN A 32 15.39 -5.56 2.19
C GLN A 32 16.27 -6.22 3.25
N ASN A 33 15.63 -6.78 4.29
CA ASN A 33 16.35 -7.46 5.35
C ASN A 33 17.15 -8.64 4.78
N ARG A 34 16.56 -9.39 3.85
CA ARG A 34 17.26 -10.54 3.25
C ARG A 34 18.25 -10.07 2.17
N ILE A 35 17.96 -8.95 1.52
CA ILE A 35 18.84 -8.40 0.49
C ILE A 35 20.20 -8.02 1.06
N ILE A 36 20.20 -7.39 2.23
CA ILE A 36 21.44 -6.96 2.89
C ILE A 36 22.24 -8.16 3.38
N PHE A 37 21.56 -9.16 3.93
CA PHE A 37 22.20 -10.38 4.44
C PHE A 37 23.20 -10.98 3.45
N ASP A 38 22.82 -11.00 2.17
CA ASP A 38 23.68 -11.57 1.12
C ASP A 38 24.81 -10.61 0.69
N SER A 39 24.92 -9.46 1.36
CA SER A 39 25.95 -8.49 1.04
C SER A 39 26.07 -7.43 2.14
N VAL A 40 26.46 -7.88 3.33
CA VAL A 40 26.61 -6.98 4.48
C VAL A 40 27.96 -7.19 5.18
N ASP A 1 -30.97 3.88 -3.04
CA ASP A 1 -29.55 3.54 -2.80
C ASP A 1 -29.10 3.99 -1.41
N ASN A 2 -27.80 3.81 -1.12
CA ASN A 2 -27.23 4.21 0.17
C ASN A 2 -26.20 5.33 -0.01
N PRO A 3 -26.01 6.16 1.02
CA PRO A 3 -25.04 7.28 0.96
C PRO A 3 -23.58 6.79 1.03
N SER A 4 -23.24 5.79 0.20
CA SER A 4 -21.89 5.24 0.17
C SER A 4 -21.62 4.45 -1.12
N LEU A 5 -22.32 4.80 -2.20
CA LEU A 5 -22.13 4.11 -3.48
C LEU A 5 -20.79 4.48 -4.08
N SER A 6 -20.61 5.78 -4.35
CA SER A 6 -19.36 6.29 -4.91
C SER A 6 -18.27 6.33 -3.85
N ILE A 7 -18.67 6.41 -2.58
CA ILE A 7 -17.72 6.45 -1.47
C ILE A 7 -17.11 5.08 -1.18
N ASP A 8 -17.70 4.05 -1.74
CA ASP A 8 -17.19 2.69 -1.55
C ASP A 8 -15.99 2.42 -2.46
N LEU A 9 -16.19 2.61 -3.76
CA LEU A 9 -15.15 2.37 -4.75
C LEU A 9 -14.06 3.46 -4.73
N THR A 10 -14.48 4.73 -4.80
CA THR A 10 -13.53 5.85 -4.81
C THR A 10 -12.62 5.85 -3.59
N PHE A 11 -13.22 5.81 -2.40
CA PHE A 11 -12.45 5.79 -1.16
C PHE A 11 -11.58 4.54 -1.06
N HIS A 12 -11.94 3.50 -1.82
CA HIS A 12 -11.18 2.25 -1.82
C HIS A 12 -10.05 2.33 -2.84
N LEU A 13 -10.38 2.73 -4.08
CA LEU A 13 -9.39 2.85 -5.14
C LEU A 13 -8.34 3.91 -4.83
N LEU A 14 -8.77 5.11 -4.42
CA LEU A 14 -7.84 6.18 -4.08
C LEU A 14 -7.00 5.81 -2.86
N ARG A 15 -7.64 5.15 -1.89
CA ARG A 15 -6.95 4.71 -0.70
C ARG A 15 -5.85 3.72 -1.08
N THR A 16 -6.24 2.70 -1.83
CA THR A 16 -5.29 1.68 -2.29
C THR A 16 -4.15 2.32 -3.06
N LEU A 17 -4.44 3.35 -3.87
CA LEU A 17 -3.41 4.02 -4.65
C LEU A 17 -2.40 4.78 -3.78
N LEU A 18 -2.80 5.15 -2.55
CA LEU A 18 -1.90 5.88 -1.65
C LEU A 18 -1.41 5.01 -0.48
N GLU A 19 -2.27 4.12 0.02
CA GLU A 19 -1.90 3.26 1.14
C GLU A 19 -1.09 2.03 0.72
N LEU A 20 -0.79 1.92 -0.58
CA LEU A 20 0.01 0.80 -1.09
C LEU A 20 1.43 0.85 -0.52
N ALA A 21 1.90 2.06 -0.18
CA ALA A 21 3.23 2.23 0.41
C ALA A 21 3.39 1.35 1.64
N ARG A 22 2.33 1.26 2.44
CA ARG A 22 2.34 0.41 3.64
C ARG A 22 2.63 -1.03 3.24
N THR A 23 1.86 -1.51 2.25
CA THR A 23 2.04 -2.86 1.71
C THR A 23 3.47 -2.98 1.17
N GLN A 24 3.89 -1.96 0.43
CA GLN A 24 5.24 -1.91 -0.11
C GLN A 24 6.21 -2.13 1.04
N SER A 25 6.08 -1.29 2.07
CA SER A 25 6.90 -1.39 3.28
C SER A 25 6.86 -2.80 3.83
N GLN A 26 5.64 -3.32 3.97
CA GLN A 26 5.41 -4.67 4.49
C GLN A 26 6.26 -5.70 3.74
N ARG A 27 6.29 -5.61 2.42
CA ARG A 27 7.07 -6.52 1.60
C ARG A 27 8.53 -6.09 1.53
N GLU A 28 8.74 -4.78 1.36
CA GLU A 28 10.08 -4.20 1.29
C GLU A 28 10.93 -4.67 2.46
N ARG A 29 10.42 -4.46 3.68
CA ARG A 29 11.12 -4.87 4.90
C ARG A 29 11.50 -6.35 4.85
N ALA A 30 10.68 -7.16 4.19
CA ALA A 30 10.94 -8.59 4.07
C ALA A 30 12.03 -8.85 3.04
N GLU A 31 11.90 -8.20 1.88
CA GLU A 31 12.87 -8.32 0.81
C GLU A 31 14.17 -7.66 1.23
N GLN A 32 14.08 -6.40 1.63
CA GLN A 32 15.25 -5.67 2.09
C GLN A 32 15.99 -6.48 3.17
N ASN A 33 15.21 -7.19 4.00
CA ASN A 33 15.78 -8.03 5.03
C ASN A 33 16.72 -9.07 4.42
N ARG A 34 16.25 -9.77 3.38
CA ARG A 34 17.08 -10.77 2.70
C ARG A 34 18.10 -10.08 1.80
N ILE A 35 17.71 -8.95 1.21
CA ILE A 35 18.61 -8.18 0.35
C ILE A 35 19.83 -7.70 1.15
N ILE A 36 19.57 -7.22 2.36
CA ILE A 36 20.63 -6.75 3.24
C ILE A 36 21.38 -7.94 3.85
N PHE A 37 20.64 -8.91 4.39
CA PHE A 37 21.25 -10.09 5.00
C PHE A 37 22.26 -10.74 4.05
N ASP A 38 21.89 -10.82 2.77
CA ASP A 38 22.76 -11.41 1.75
C ASP A 38 23.91 -10.48 1.34
N SER A 39 23.97 -9.29 1.96
CA SER A 39 25.03 -8.33 1.63
C SER A 39 25.64 -7.68 2.90
N VAL A 40 25.39 -8.29 4.06
CA VAL A 40 25.91 -7.80 5.34
C VAL A 40 25.15 -6.56 5.85
N ASP A 1 -26.03 17.53 3.38
CA ASP A 1 -25.93 16.07 3.66
C ASP A 1 -25.40 15.31 2.43
N ASN A 2 -25.00 14.06 2.64
CA ASN A 2 -24.48 13.23 1.56
C ASN A 2 -24.21 11.79 2.04
N PRO A 3 -24.74 10.79 1.30
CA PRO A 3 -24.55 9.37 1.65
C PRO A 3 -23.11 8.88 1.43
N SER A 4 -22.30 9.70 0.77
CA SER A 4 -20.89 9.36 0.49
C SER A 4 -20.76 8.21 -0.51
N LEU A 5 -21.83 7.91 -1.26
CA LEU A 5 -21.79 6.82 -2.25
C LEU A 5 -20.63 6.97 -3.23
N SER A 6 -20.38 8.20 -3.67
CA SER A 6 -19.29 8.48 -4.61
C SER A 6 -17.92 8.42 -3.92
N ILE A 7 -17.90 8.72 -2.62
CA ILE A 7 -16.66 8.70 -1.85
C ILE A 7 -16.31 7.30 -1.38
N ASP A 8 -17.31 6.60 -0.89
CA ASP A 8 -17.15 5.24 -0.40
C ASP A 8 -16.34 4.38 -1.37
N LEU A 9 -16.65 4.50 -2.66
CA LEU A 9 -15.95 3.75 -3.70
C LEU A 9 -14.62 4.41 -4.07
N THR A 10 -14.65 5.73 -4.30
CA THR A 10 -13.44 6.47 -4.66
C THR A 10 -12.39 6.36 -3.56
N PHE A 11 -12.78 6.60 -2.32
CA PHE A 11 -11.86 6.49 -1.19
C PHE A 11 -11.35 5.06 -1.07
N HIS A 12 -12.18 4.09 -1.46
CA HIS A 12 -11.84 2.69 -1.42
C HIS A 12 -10.85 2.34 -2.52
N LEU A 13 -11.06 2.88 -3.72
CA LEU A 13 -10.17 2.62 -4.85
C LEU A 13 -8.89 3.46 -4.76
N LEU A 14 -9.03 4.76 -4.46
CA LEU A 14 -7.86 5.64 -4.32
C LEU A 14 -6.96 5.18 -3.17
N ARG A 15 -7.57 4.60 -2.14
CA ARG A 15 -6.82 4.09 -0.99
C ARG A 15 -5.62 3.26 -1.44
N THR A 16 -5.88 2.31 -2.35
CA THR A 16 -4.83 1.44 -2.88
C THR A 16 -3.64 2.24 -3.43
N LEU A 17 -3.93 3.33 -4.14
CA LEU A 17 -2.87 4.17 -4.72
C LEU A 17 -1.82 4.59 -3.68
N LEU A 18 -2.28 4.85 -2.44
CA LEU A 18 -1.36 5.25 -1.37
C LEU A 18 -0.99 4.07 -0.47
N GLU A 19 -1.92 3.15 -0.26
CA GLU A 19 -1.69 1.98 0.59
C GLU A 19 -0.81 0.93 -0.08
N LEU A 20 -0.68 1.01 -1.39
CA LEU A 20 0.14 0.06 -2.15
C LEU A 20 1.60 0.11 -1.66
N ALA A 21 2.11 1.32 -1.43
CA ALA A 21 3.47 1.48 -0.92
C ALA A 21 3.61 0.82 0.45
N ARG A 22 2.57 0.99 1.27
CA ARG A 22 2.53 0.41 2.59
C ARG A 22 2.51 -1.11 2.48
N THR A 23 1.58 -1.64 1.68
CA THR A 23 1.49 -3.08 1.45
C THR A 23 2.81 -3.59 0.90
N GLN A 24 3.39 -2.84 -0.06
CA GLN A 24 4.67 -3.19 -0.65
C GLN A 24 5.73 -3.25 0.45
N SER A 25 5.85 -2.18 1.21
CA SER A 25 6.81 -2.11 2.31
C SER A 25 6.59 -3.27 3.28
N GLN A 26 5.32 -3.52 3.62
CA GLN A 26 4.95 -4.60 4.53
C GLN A 26 5.60 -5.93 4.12
N ARG A 27 5.66 -6.17 2.81
CA ARG A 27 6.27 -7.40 2.30
C ARG A 27 7.76 -7.18 2.01
N GLU A 28 8.10 -5.98 1.53
CA GLU A 28 9.48 -5.62 1.22
C GLU A 28 10.36 -5.60 2.48
N ARG A 29 9.82 -5.12 3.59
CA ARG A 29 10.56 -5.06 4.86
C ARG A 29 11.27 -6.37 5.17
N ALA A 30 10.62 -7.50 4.86
CA ALA A 30 11.19 -8.82 5.09
C ALA A 30 12.21 -9.16 4.01
N GLU A 31 11.90 -8.79 2.77
CA GLU A 31 12.79 -9.03 1.63
C GLU A 31 14.00 -8.10 1.70
N GLN A 32 13.73 -6.80 1.84
CA GLN A 32 14.79 -5.81 1.96
C GLN A 32 15.75 -6.20 3.07
N ASN A 33 15.20 -6.72 4.16
CA ASN A 33 16.00 -7.17 5.30
C ASN A 33 16.99 -8.25 4.86
N ARG A 34 16.50 -9.23 4.08
CA ARG A 34 17.36 -10.31 3.61
C ARG A 34 18.21 -9.88 2.40
N ILE A 35 17.70 -8.94 1.61
CA ILE A 35 18.43 -8.45 0.44
C ILE A 35 19.73 -7.76 0.89
N ILE A 36 19.60 -6.86 1.86
CA ILE A 36 20.74 -6.13 2.40
C ILE A 36 21.60 -7.04 3.29
N PHE A 37 20.95 -8.01 3.94
CA PHE A 37 21.65 -8.96 4.83
C PHE A 37 22.86 -9.61 4.15
N ASP A 38 22.80 -9.79 2.83
CA ASP A 38 23.90 -10.40 2.09
C ASP A 38 25.09 -9.44 1.87
N SER A 39 25.01 -8.24 2.45
CA SER A 39 26.07 -7.24 2.33
C SER A 39 26.09 -6.59 0.94
N VAL A 40 24.99 -5.91 0.62
CA VAL A 40 24.86 -5.23 -0.68
C VAL A 40 24.91 -3.71 -0.52
N ASP A 1 -28.65 11.41 -7.46
CA ASP A 1 -28.68 11.69 -5.99
C ASP A 1 -27.46 11.08 -5.29
N ASN A 2 -27.50 11.04 -3.95
CA ASN A 2 -26.42 10.48 -3.16
C ASN A 2 -25.08 11.21 -3.41
N PRO A 3 -24.76 12.20 -2.55
CA PRO A 3 -23.51 12.97 -2.69
C PRO A 3 -22.24 12.17 -2.38
N SER A 4 -22.40 10.89 -2.03
CA SER A 4 -21.24 10.03 -1.71
C SER A 4 -21.14 8.83 -2.66
N LEU A 5 -21.93 8.82 -3.73
CA LEU A 5 -21.91 7.73 -4.69
C LEU A 5 -20.55 7.63 -5.41
N SER A 6 -19.95 8.80 -5.68
CA SER A 6 -18.65 8.84 -6.35
C SER A 6 -17.50 8.68 -5.34
N ILE A 7 -17.77 8.97 -4.08
CA ILE A 7 -16.76 8.86 -3.02
C ILE A 7 -16.51 7.42 -2.64
N ASP A 8 -17.58 6.66 -2.48
CA ASP A 8 -17.49 5.24 -2.12
C ASP A 8 -16.46 4.52 -2.98
N LEU A 9 -16.66 4.57 -4.29
CA LEU A 9 -15.76 3.93 -5.24
C LEU A 9 -14.38 4.58 -5.23
N THR A 10 -14.34 5.91 -5.25
CA THR A 10 -13.09 6.66 -5.23
C THR A 10 -12.30 6.36 -3.96
N PHE A 11 -12.93 6.56 -2.81
CA PHE A 11 -12.29 6.31 -1.53
C PHE A 11 -11.78 4.86 -1.44
N HIS A 12 -12.50 3.95 -2.08
CA HIS A 12 -12.11 2.53 -2.09
C HIS A 12 -11.00 2.26 -3.10
N LEU A 13 -11.08 2.88 -4.28
CA LEU A 13 -10.07 2.69 -5.31
C LEU A 13 -8.80 3.48 -4.98
N LEU A 14 -8.94 4.73 -4.52
CA LEU A 14 -7.79 5.56 -4.16
C LEU A 14 -7.03 4.96 -2.97
N ARG A 15 -7.76 4.33 -2.06
CA ARG A 15 -7.16 3.69 -0.89
C ARG A 15 -5.93 2.88 -1.32
N THR A 16 -6.07 2.18 -2.44
CA THR A 16 -5.02 1.36 -3.01
C THR A 16 -3.70 2.14 -3.15
N LEU A 17 -3.77 3.36 -3.71
CA LEU A 17 -2.58 4.19 -3.93
C LEU A 17 -1.79 4.42 -2.64
N LEU A 18 -2.50 4.59 -1.51
CA LEU A 18 -1.83 4.82 -0.23
C LEU A 18 -1.50 3.52 0.51
N GLU A 19 -2.36 2.51 0.36
CA GLU A 19 -2.15 1.23 1.03
C GLU A 19 -1.10 0.36 0.33
N LEU A 20 -0.69 0.76 -0.85
CA LEU A 20 0.32 0.02 -1.60
C LEU A 20 1.72 0.24 -1.01
N ALA A 21 2.03 1.49 -0.66
CA ALA A 21 3.33 1.82 -0.07
C ALA A 21 3.51 1.06 1.25
N ARG A 22 2.47 1.10 2.07
CA ARG A 22 2.48 0.39 3.36
C ARG A 22 2.71 -1.09 3.13
N THR A 23 1.89 -1.68 2.25
CA THR A 23 2.01 -3.10 1.91
C THR A 23 3.41 -3.41 1.40
N GLN A 24 3.90 -2.59 0.48
CA GLN A 24 5.24 -2.77 -0.06
C GLN A 24 6.28 -2.66 1.06
N SER A 25 6.10 -1.65 1.92
CA SER A 25 7.00 -1.47 3.06
C SER A 25 6.92 -2.70 3.98
N GLN A 26 5.69 -3.19 4.18
CA GLN A 26 5.45 -4.38 5.01
C GLN A 26 6.31 -5.55 4.55
N ARG A 27 6.27 -5.83 3.25
CA ARG A 27 7.09 -6.90 2.68
C ARG A 27 8.55 -6.46 2.66
N GLU A 28 8.77 -5.17 2.35
CA GLU A 28 10.09 -4.58 2.30
C GLU A 28 10.95 -5.01 3.49
N ARG A 29 10.50 -4.66 4.70
CA ARG A 29 11.24 -5.02 5.92
C ARG A 29 11.62 -6.50 5.96
N ALA A 30 10.78 -7.36 5.37
CA ALA A 30 11.04 -8.80 5.32
C ALA A 30 11.89 -9.18 4.11
N GLU A 31 11.73 -8.45 3.01
CA GLU A 31 12.49 -8.69 1.79
C GLU A 31 13.83 -7.96 1.85
N GLN A 32 13.78 -6.69 2.25
CA GLN A 32 14.97 -5.89 2.39
C GLN A 32 15.94 -6.57 3.35
N ASN A 33 15.39 -7.18 4.40
CA ASN A 33 16.18 -7.90 5.38
C ASN A 33 16.99 -9.01 4.70
N ARG A 34 16.36 -9.74 3.78
CA ARG A 34 17.05 -10.80 3.06
C ARG A 34 17.81 -10.27 1.85
N ILE A 35 17.27 -9.20 1.25
CA ILE A 35 17.90 -8.57 0.09
C ILE A 35 19.19 -7.83 0.48
N ILE A 36 19.12 -7.08 1.57
CA ILE A 36 20.27 -6.34 2.07
C ILE A 36 21.31 -7.28 2.72
N PHE A 37 20.83 -8.38 3.30
CA PHE A 37 21.70 -9.36 3.96
C PHE A 37 22.80 -9.86 3.02
N ASP A 38 22.51 -9.91 1.72
CA ASP A 38 23.47 -10.38 0.72
C ASP A 38 24.46 -9.30 0.29
N SER A 39 24.55 -8.20 1.05
CA SER A 39 25.46 -7.10 0.72
C SER A 39 26.71 -7.11 1.60
N VAL A 40 27.09 -8.28 2.13
CA VAL A 40 28.27 -8.40 2.98
C VAL A 40 29.40 -9.14 2.26
N ASP A 1 -20.54 20.78 -2.49
CA ASP A 1 -21.56 19.75 -2.12
C ASP A 1 -20.91 18.39 -1.88
N ASN A 2 -21.57 17.54 -1.08
CA ASN A 2 -21.04 16.21 -0.79
C ASN A 2 -22.01 15.12 -1.26
N PRO A 3 -21.85 14.66 -2.52
CA PRO A 3 -22.70 13.62 -3.11
C PRO A 3 -22.18 12.20 -2.84
N SER A 4 -21.01 12.10 -2.20
CA SER A 4 -20.40 10.81 -1.88
C SER A 4 -20.15 9.94 -3.13
N LEU A 5 -20.21 10.58 -4.32
CA LEU A 5 -19.96 9.86 -5.56
C LEU A 5 -18.48 9.91 -5.89
N SER A 6 -17.92 11.12 -5.83
CA SER A 6 -16.51 11.34 -6.10
C SER A 6 -15.64 10.97 -4.89
N ILE A 7 -16.23 10.97 -3.69
CA ILE A 7 -15.49 10.63 -2.48
C ILE A 7 -15.57 9.13 -2.16
N ASP A 8 -16.34 8.39 -2.95
CA ASP A 8 -16.45 6.96 -2.76
C ASP A 8 -15.36 6.24 -3.54
N LEU A 9 -15.43 6.35 -4.85
CA LEU A 9 -14.45 5.73 -5.75
C LEU A 9 -13.02 6.23 -5.48
N THR A 10 -12.83 7.55 -5.44
CA THR A 10 -11.50 8.13 -5.21
C THR A 10 -10.92 7.67 -3.88
N PHE A 11 -11.61 7.94 -2.78
CA PHE A 11 -11.14 7.54 -1.47
C PHE A 11 -10.95 6.02 -1.39
N HIS A 12 -11.75 5.29 -2.17
CA HIS A 12 -11.64 3.83 -2.22
C HIS A 12 -10.45 3.38 -3.07
N LEU A 13 -10.33 3.95 -4.26
CA LEU A 13 -9.23 3.61 -5.17
C LEU A 13 -7.89 4.09 -4.62
N LEU A 14 -7.85 5.33 -4.12
CA LEU A 14 -6.62 5.88 -3.56
C LEU A 14 -6.18 5.09 -2.33
N ARG A 15 -7.16 4.65 -1.54
CA ARG A 15 -6.85 3.85 -0.35
C ARG A 15 -6.05 2.62 -0.77
N THR A 16 -6.61 1.86 -1.72
CA THR A 16 -5.98 0.65 -2.24
C THR A 16 -4.54 0.92 -2.68
N LEU A 17 -4.31 2.04 -3.38
CA LEU A 17 -2.96 2.38 -3.87
C LEU A 17 -1.96 2.48 -2.71
N LEU A 18 -2.39 3.05 -1.58
CA LEU A 18 -1.52 3.20 -0.42
C LEU A 18 -1.59 1.96 0.49
N GLU A 19 -2.80 1.41 0.64
CA GLU A 19 -2.99 0.23 1.48
C GLU A 19 -2.18 -0.94 0.97
N LEU A 20 -2.20 -1.10 -0.33
CA LEU A 20 -1.44 -2.16 -1.00
C LEU A 20 0.06 -1.96 -0.77
N ALA A 21 0.50 -0.69 -0.79
CA ALA A 21 1.90 -0.36 -0.55
C ALA A 21 2.31 -0.85 0.82
N ARG A 22 1.47 -0.58 1.82
CA ARG A 22 1.72 -1.01 3.19
C ARG A 22 1.90 -2.53 3.25
N THR A 23 0.94 -3.26 2.68
CA THR A 23 1.01 -4.72 2.66
C THR A 23 2.29 -5.18 1.97
N GLN A 24 2.61 -4.58 0.82
CA GLN A 24 3.83 -4.91 0.11
C GLN A 24 5.03 -4.58 0.99
N SER A 25 5.02 -3.37 1.55
CA SER A 25 6.08 -2.93 2.45
C SER A 25 6.24 -3.92 3.60
N GLN A 26 5.10 -4.37 4.14
CA GLN A 26 5.08 -5.34 5.23
C GLN A 26 6.10 -6.45 4.99
N ARG A 27 6.11 -6.97 3.76
CA ARG A 27 7.08 -8.00 3.38
C ARG A 27 8.34 -7.35 2.83
N GLU A 28 8.15 -6.28 2.05
CA GLU A 28 9.25 -5.51 1.47
C GLU A 28 10.32 -5.19 2.52
N ARG A 29 9.88 -4.66 3.66
CA ARG A 29 10.80 -4.31 4.75
C ARG A 29 11.65 -5.51 5.16
N ALA A 30 11.01 -6.68 5.24
CA ALA A 30 11.71 -7.90 5.61
C ALA A 30 12.58 -8.39 4.46
N GLU A 31 12.08 -8.21 3.24
CA GLU A 31 12.80 -8.60 2.04
C GLU A 31 13.98 -7.68 1.80
N GLN A 32 13.72 -6.37 1.77
CA GLN A 32 14.79 -5.40 1.59
C GLN A 32 15.86 -5.62 2.65
N ASN A 33 15.43 -5.97 3.87
CA ASN A 33 16.34 -6.25 4.97
C ASN A 33 17.34 -7.33 4.58
N ARG A 34 16.85 -8.42 3.97
CA ARG A 34 17.74 -9.51 3.54
C ARG A 34 18.46 -9.15 2.25
N ILE A 35 17.81 -8.36 1.39
CA ILE A 35 18.42 -7.93 0.14
C ILE A 35 19.66 -7.07 0.41
N ILE A 36 19.51 -6.10 1.30
CA ILE A 36 20.59 -5.21 1.69
C ILE A 36 21.66 -5.97 2.48
N PHE A 37 21.21 -6.85 3.38
CA PHE A 37 22.11 -7.64 4.20
C PHE A 37 23.15 -8.38 3.35
N ASP A 38 22.75 -8.83 2.17
CA ASP A 38 23.64 -9.54 1.26
C ASP A 38 24.59 -8.60 0.49
N SER A 39 24.52 -7.31 0.79
CA SER A 39 25.38 -6.33 0.13
C SER A 39 25.34 -4.98 0.85
N VAL A 40 25.81 -4.96 2.09
CA VAL A 40 25.83 -3.74 2.89
C VAL A 40 27.24 -3.43 3.40
N ASP A 1 -26.95 1.63 -1.75
CA ASP A 1 -26.62 2.96 -1.15
C ASP A 1 -27.04 4.11 -2.08
N ASN A 2 -26.67 5.33 -1.71
CA ASN A 2 -27.00 6.50 -2.50
C ASN A 2 -25.93 7.60 -2.35
N PRO A 3 -25.74 8.15 -1.12
CA PRO A 3 -24.75 9.20 -0.89
C PRO A 3 -23.33 8.68 -0.63
N SER A 4 -23.19 7.38 -0.45
CA SER A 4 -21.87 6.78 -0.19
C SER A 4 -21.49 5.69 -1.20
N LEU A 5 -22.29 5.52 -2.25
CA LEU A 5 -22.01 4.52 -3.28
C LEU A 5 -20.69 4.81 -3.98
N SER A 6 -20.43 6.09 -4.26
CA SER A 6 -19.19 6.51 -4.92
C SER A 6 -18.03 6.54 -3.93
N ILE A 7 -18.35 6.70 -2.64
CA ILE A 7 -17.34 6.74 -1.59
C ILE A 7 -16.69 5.39 -1.36
N ASP A 8 -17.54 4.38 -1.20
CA ASP A 8 -17.08 3.01 -0.97
C ASP A 8 -15.99 2.60 -1.99
N LEU A 9 -16.19 2.96 -3.25
CA LEU A 9 -15.24 2.63 -4.31
C LEU A 9 -14.08 3.63 -4.35
N THR A 10 -14.39 4.93 -4.34
CA THR A 10 -13.35 5.97 -4.37
C THR A 10 -12.43 5.84 -3.17
N PHE A 11 -13.00 5.72 -1.98
CA PHE A 11 -12.21 5.57 -0.76
C PHE A 11 -11.40 4.26 -0.81
N HIS A 12 -11.83 3.32 -1.64
CA HIS A 12 -11.16 2.04 -1.81
C HIS A 12 -10.02 2.18 -2.81
N LEU A 13 -10.31 2.79 -3.97
CA LEU A 13 -9.32 3.00 -5.01
C LEU A 13 -8.24 3.99 -4.57
N LEU A 14 -8.67 5.15 -4.04
CA LEU A 14 -7.72 6.16 -3.57
C LEU A 14 -6.86 5.60 -2.44
N ARG A 15 -7.48 4.84 -1.55
CA ARG A 15 -6.76 4.21 -0.45
C ARG A 15 -5.68 3.30 -1.00
N THR A 16 -6.09 2.41 -1.91
CA THR A 16 -5.16 1.48 -2.54
C THR A 16 -4.01 2.23 -3.22
N LEU A 17 -4.31 3.36 -3.86
CA LEU A 17 -3.30 4.16 -4.53
C LEU A 17 -2.33 4.82 -3.53
N LEU A 18 -2.87 5.23 -2.38
CA LEU A 18 -2.05 5.88 -1.35
C LEU A 18 -1.43 4.87 -0.38
N GLU A 19 -2.13 3.76 -0.13
CA GLU A 19 -1.64 2.73 0.77
C GLU A 19 -0.76 1.68 0.07
N LEU A 20 -0.60 1.82 -1.23
CA LEU A 20 0.23 0.89 -2.00
C LEU A 20 1.67 0.91 -1.49
N ALA A 21 2.17 2.12 -1.18
CA ALA A 21 3.52 2.27 -0.64
C ALA A 21 3.66 1.47 0.65
N ARG A 22 2.66 1.62 1.52
CA ARG A 22 2.62 0.90 2.79
C ARG A 22 2.56 -0.60 2.53
N THR A 23 1.61 -1.02 1.68
CA THR A 23 1.46 -2.42 1.34
C THR A 23 2.76 -2.96 0.73
N GLN A 24 3.38 -2.16 -0.14
CA GLN A 24 4.65 -2.57 -0.76
C GLN A 24 5.74 -2.62 0.29
N SER A 25 5.85 -1.54 1.09
CA SER A 25 6.85 -1.49 2.16
C SER A 25 6.64 -2.64 3.13
N GLN A 26 5.36 -2.99 3.37
CA GLN A 26 5.00 -4.09 4.27
C GLN A 26 5.77 -5.37 3.90
N ARG A 27 5.89 -5.64 2.61
CA ARG A 27 6.65 -6.81 2.15
C ARG A 27 8.12 -6.43 1.99
N GLU A 28 8.35 -5.22 1.49
CA GLU A 28 9.70 -4.68 1.30
C GLU A 28 10.56 -4.93 2.53
N ARG A 29 10.03 -4.56 3.70
CA ARG A 29 10.75 -4.73 4.97
C ARG A 29 11.28 -6.16 5.15
N ALA A 30 10.51 -7.14 4.67
CA ALA A 30 10.89 -8.55 4.77
C ALA A 30 11.91 -8.91 3.69
N GLU A 31 11.65 -8.43 2.47
CA GLU A 31 12.54 -8.68 1.34
C GLU A 31 13.85 -7.91 1.49
N GLN A 32 13.75 -6.62 1.77
CA GLN A 32 14.93 -5.81 1.96
C GLN A 32 15.80 -6.39 3.06
N ASN A 33 15.15 -6.95 4.08
CA ASN A 33 15.86 -7.58 5.19
C ASN A 33 16.72 -8.74 4.68
N ARG A 34 16.15 -9.57 3.78
CA ARG A 34 16.90 -10.70 3.23
C ARG A 34 17.87 -10.22 2.15
N ILE A 35 17.50 -9.16 1.44
CA ILE A 35 18.37 -8.60 0.38
C ILE A 35 19.68 -8.10 0.97
N ILE A 36 19.57 -7.27 2.00
CA ILE A 36 20.75 -6.71 2.67
C ILE A 36 21.50 -7.78 3.47
N PHE A 37 20.76 -8.76 3.99
CA PHE A 37 21.36 -9.85 4.77
C PHE A 37 22.54 -10.50 4.05
N ASP A 38 22.50 -10.52 2.71
CA ASP A 38 23.57 -11.12 1.91
C ASP A 38 24.79 -10.19 1.76
N SER A 39 24.79 -9.05 2.48
CA SER A 39 25.89 -8.08 2.44
C SER A 39 25.90 -7.29 1.13
N VAL A 40 24.81 -6.60 0.86
CA VAL A 40 24.68 -5.80 -0.35
C VAL A 40 23.72 -4.62 -0.14
N ASP A 1 -25.29 20.01 -2.03
CA ASP A 1 -25.51 18.58 -2.40
C ASP A 1 -24.50 17.67 -1.68
N ASN A 2 -24.68 16.35 -1.82
CA ASN A 2 -23.79 15.38 -1.18
C ASN A 2 -22.89 14.70 -2.22
N PRO A 3 -21.69 15.27 -2.49
CA PRO A 3 -20.75 14.72 -3.47
C PRO A 3 -19.99 13.47 -2.99
N SER A 4 -20.35 12.94 -1.81
CA SER A 4 -19.68 11.76 -1.27
C SER A 4 -19.75 10.58 -2.23
N LEU A 5 -20.72 10.62 -3.13
CA LEU A 5 -20.90 9.56 -4.14
C LEU A 5 -19.61 9.37 -4.94
N SER A 6 -19.00 10.47 -5.35
CA SER A 6 -17.76 10.44 -6.11
C SER A 6 -16.56 10.22 -5.18
N ILE A 7 -16.73 10.63 -3.91
CA ILE A 7 -15.67 10.48 -2.92
C ILE A 7 -15.54 9.04 -2.45
N ASP A 8 -16.68 8.41 -2.22
CA ASP A 8 -16.72 7.01 -1.78
C ASP A 8 -15.80 6.15 -2.63
N LEU A 9 -16.07 6.13 -3.93
CA LEU A 9 -15.27 5.35 -4.88
C LEU A 9 -13.82 5.87 -4.92
N THR A 10 -13.66 7.18 -5.08
CA THR A 10 -12.33 7.80 -5.14
C THR A 10 -11.54 7.51 -3.87
N PHE A 11 -12.10 7.84 -2.71
CA PHE A 11 -11.44 7.60 -1.44
C PHE A 11 -11.19 6.10 -1.23
N HIS A 12 -12.04 5.26 -1.82
CA HIS A 12 -11.91 3.81 -1.70
C HIS A 12 -10.86 3.29 -2.69
N LEU A 13 -10.93 3.75 -3.93
CA LEU A 13 -9.98 3.31 -4.96
C LEU A 13 -8.56 3.84 -4.69
N LEU A 14 -8.46 5.14 -4.36
CA LEU A 14 -7.15 5.74 -4.07
C LEU A 14 -6.52 5.10 -2.83
N ARG A 15 -7.36 4.74 -1.86
CA ARG A 15 -6.90 4.11 -0.64
C ARG A 15 -6.10 2.85 -0.97
N THR A 16 -6.72 1.95 -1.71
CA THR A 16 -6.06 0.71 -2.13
C THR A 16 -4.74 0.98 -2.85
N LEU A 17 -4.72 2.00 -3.71
CA LEU A 17 -3.50 2.35 -4.47
C LEU A 17 -2.33 2.67 -3.54
N LEU A 18 -2.62 3.32 -2.40
CA LEU A 18 -1.57 3.67 -1.44
C LEU A 18 -1.42 2.61 -0.34
N GLU A 19 -2.52 1.96 0.02
CA GLU A 19 -2.50 0.93 1.06
C GLU A 19 -1.62 -0.24 0.68
N LEU A 20 -1.67 -0.59 -0.58
CA LEU A 20 -0.86 -1.70 -1.11
C LEU A 20 0.62 -1.46 -0.80
N ALA A 21 1.03 -0.19 -0.79
CA ALA A 21 2.42 0.17 -0.48
C ALA A 21 2.81 -0.39 0.88
N ARG A 22 1.89 -0.32 1.83
CA ARG A 22 2.11 -0.84 3.19
C ARG A 22 2.22 -2.36 3.12
N THR A 23 1.27 -2.99 2.44
CA THR A 23 1.26 -4.44 2.27
C THR A 23 2.54 -4.88 1.57
N GLN A 24 2.89 -4.18 0.49
CA GLN A 24 4.11 -4.47 -0.25
C GLN A 24 5.32 -4.23 0.64
N SER A 25 5.37 -3.06 1.27
CA SER A 25 6.46 -2.73 2.19
C SER A 25 6.56 -3.79 3.28
N GLN A 26 5.40 -4.26 3.75
CA GLN A 26 5.34 -5.30 4.78
C GLN A 26 6.26 -6.47 4.43
N ARG A 27 6.24 -6.87 3.16
CA ARG A 27 7.11 -7.94 2.69
C ARG A 27 8.43 -7.36 2.21
N GLU A 28 8.34 -6.20 1.54
CA GLU A 28 9.52 -5.50 1.05
C GLU A 28 10.53 -5.28 2.18
N ARG A 29 10.04 -4.81 3.32
CA ARG A 29 10.87 -4.57 4.49
C ARG A 29 11.63 -5.83 4.90
N ALA A 30 10.93 -6.98 4.82
CA ALA A 30 11.54 -8.26 5.16
C ALA A 30 12.58 -8.62 4.11
N GLU A 31 12.22 -8.39 2.85
CA GLU A 31 13.12 -8.66 1.73
C GLU A 31 14.29 -7.68 1.76
N GLN A 32 13.98 -6.39 1.88
CA GLN A 32 15.01 -5.37 1.95
C GLN A 32 16.03 -5.73 3.02
N ASN A 33 15.52 -6.20 4.17
CA ASN A 33 16.38 -6.62 5.27
C ASN A 33 17.36 -7.70 4.80
N ARG A 34 16.85 -8.71 4.09
CA ARG A 34 17.69 -9.78 3.57
C ARG A 34 18.51 -9.28 2.39
N ILE A 35 17.94 -8.38 1.58
CA ILE A 35 18.64 -7.81 0.44
C ILE A 35 19.89 -7.07 0.91
N ILE A 36 19.71 -6.23 1.91
CA ILE A 36 20.81 -5.46 2.50
C ILE A 36 21.77 -6.38 3.25
N PHE A 37 21.21 -7.37 3.96
CA PHE A 37 22.01 -8.32 4.73
C PHE A 37 23.12 -8.95 3.88
N ASP A 38 22.80 -9.27 2.64
CA ASP A 38 23.76 -9.88 1.71
C ASP A 38 24.68 -8.83 1.06
N SER A 39 24.66 -7.59 1.58
CA SER A 39 25.50 -6.52 1.03
C SER A 39 25.99 -5.59 2.14
N VAL A 40 26.62 -6.17 3.15
CA VAL A 40 27.17 -5.41 4.28
C VAL A 40 28.70 -5.43 4.30
N ASP A 1 -26.97 13.50 -8.49
CA ASP A 1 -25.76 13.90 -7.72
C ASP A 1 -25.04 12.69 -7.12
N ASN A 2 -23.81 12.90 -6.67
CA ASN A 2 -23.00 11.84 -6.08
C ASN A 2 -22.88 12.01 -4.55
N PRO A 3 -23.91 11.60 -3.79
CA PRO A 3 -23.90 11.71 -2.32
C PRO A 3 -22.64 11.12 -1.71
N SER A 4 -22.38 9.88 -2.09
CA SER A 4 -21.20 9.15 -1.62
C SER A 4 -20.61 8.27 -2.72
N LEU A 5 -20.99 8.52 -3.98
CA LEU A 5 -20.48 7.74 -5.11
C LEU A 5 -18.98 7.97 -5.27
N SER A 6 -18.61 9.23 -5.47
CA SER A 6 -17.21 9.60 -5.62
C SER A 6 -16.42 9.23 -4.36
N ILE A 7 -17.06 9.37 -3.20
CA ILE A 7 -16.42 9.03 -1.93
C ILE A 7 -16.24 7.53 -1.79
N ASP A 8 -17.11 6.77 -2.42
CA ASP A 8 -17.02 5.32 -2.38
C ASP A 8 -15.91 4.81 -3.32
N LEU A 9 -15.70 5.52 -4.42
CA LEU A 9 -14.67 5.13 -5.39
C LEU A 9 -13.32 5.79 -5.10
N THR A 10 -13.31 7.12 -4.93
CA THR A 10 -12.06 7.84 -4.66
C THR A 10 -11.39 7.34 -3.38
N PHE A 11 -12.15 7.26 -2.29
CA PHE A 11 -11.60 6.76 -1.03
C PHE A 11 -11.14 5.30 -1.17
N HIS A 12 -11.68 4.61 -2.18
CA HIS A 12 -11.31 3.23 -2.44
C HIS A 12 -10.05 3.17 -3.30
N LEU A 13 -10.04 3.93 -4.40
CA LEU A 13 -8.88 3.96 -5.30
C LEU A 13 -7.66 4.57 -4.60
N LEU A 14 -7.86 5.70 -3.90
CA LEU A 14 -6.77 6.34 -3.18
C LEU A 14 -6.26 5.44 -2.07
N ARG A 15 -7.19 4.78 -1.38
CA ARG A 15 -6.83 3.83 -0.34
C ARG A 15 -5.98 2.73 -0.94
N THR A 16 -6.49 2.14 -2.01
CA THR A 16 -5.80 1.08 -2.72
C THR A 16 -4.39 1.51 -3.13
N LEU A 17 -4.26 2.74 -3.63
CA LEU A 17 -2.95 3.27 -4.05
C LEU A 17 -1.96 3.31 -2.88
N LEU A 18 -2.46 3.60 -1.68
CA LEU A 18 -1.59 3.66 -0.49
C LEU A 18 -1.54 2.33 0.26
N GLU A 19 -2.69 1.66 0.33
CA GLU A 19 -2.78 0.36 1.02
C GLU A 19 -1.82 -0.66 0.41
N LEU A 20 -1.80 -0.65 -0.91
CA LEU A 20 -0.92 -1.55 -1.66
C LEU A 20 0.54 -1.28 -1.31
N ALA A 21 0.89 0.01 -1.20
CA ALA A 21 2.25 0.40 -0.82
C ALA A 21 2.58 -0.13 0.56
N ARG A 22 1.64 0.07 1.49
CA ARG A 22 1.80 -0.42 2.86
C ARG A 22 1.92 -1.95 2.85
N THR A 23 1.00 -2.62 2.14
CA THR A 23 1.03 -4.08 2.04
C THR A 23 2.35 -4.54 1.42
N GLN A 24 2.76 -3.88 0.32
CA GLN A 24 4.02 -4.21 -0.33
C GLN A 24 5.18 -3.98 0.64
N SER A 25 5.16 -2.82 1.29
CA SER A 25 6.19 -2.46 2.27
C SER A 25 6.21 -3.49 3.41
N GLN A 26 5.03 -3.81 3.94
CA GLN A 26 4.88 -4.79 5.02
C GLN A 26 5.82 -5.98 4.85
N ARG A 27 5.86 -6.54 3.65
CA ARG A 27 6.72 -7.68 3.36
C ARG A 27 8.11 -7.22 2.92
N GLU A 28 8.17 -6.19 2.09
CA GLU A 28 9.43 -5.66 1.61
C GLU A 28 10.36 -5.29 2.75
N ARG A 29 9.84 -4.60 3.75
CA ARG A 29 10.64 -4.20 4.91
C ARG A 29 11.36 -5.41 5.53
N ALA A 30 10.70 -6.56 5.49
CA ALA A 30 11.28 -7.80 6.03
C ALA A 30 12.27 -8.41 5.04
N GLU A 31 11.92 -8.34 3.75
CA GLU A 31 12.79 -8.88 2.70
C GLU A 31 13.98 -7.96 2.47
N GLN A 32 13.71 -6.69 2.20
CA GLN A 32 14.77 -5.71 1.97
C GLN A 32 15.81 -5.80 3.09
N ASN A 33 15.35 -6.10 4.30
CA ASN A 33 16.23 -6.24 5.45
C ASN A 33 17.26 -7.34 5.21
N ARG A 34 16.83 -8.45 4.60
CA ARG A 34 17.76 -9.56 4.32
C ARG A 34 18.34 -9.43 2.91
N ILE A 35 17.59 -8.81 2.01
CA ILE A 35 18.04 -8.59 0.63
C ILE A 35 19.34 -7.79 0.61
N ILE A 36 19.41 -6.78 1.48
CA ILE A 36 20.58 -5.91 1.59
C ILE A 36 21.78 -6.66 2.18
N PHE A 37 21.50 -7.59 3.10
CA PHE A 37 22.54 -8.39 3.76
C PHE A 37 23.56 -8.98 2.78
N ASP A 38 23.08 -9.40 1.61
CA ASP A 38 23.96 -9.98 0.59
C ASP A 38 24.99 -8.97 0.04
N SER A 39 24.85 -7.71 0.45
CA SER A 39 25.74 -6.64 0.01
C SER A 39 26.48 -6.00 1.20
N VAL A 40 26.50 -6.67 2.34
CA VAL A 40 27.17 -6.15 3.53
C VAL A 40 28.28 -7.08 4.03
N ASP A 1 -31.66 11.77 0.85
CA ASP A 1 -31.02 10.45 0.58
C ASP A 1 -29.54 10.47 0.94
N ASN A 2 -28.92 9.28 0.97
CA ASN A 2 -27.50 9.17 1.30
C ASN A 2 -26.66 8.74 0.09
N PRO A 3 -26.31 9.69 -0.80
CA PRO A 3 -25.52 9.40 -2.01
C PRO A 3 -24.04 9.12 -1.70
N SER A 4 -23.78 8.01 -1.00
CA SER A 4 -22.41 7.64 -0.66
C SER A 4 -21.80 6.66 -1.69
N LEU A 5 -22.54 6.40 -2.77
CA LEU A 5 -22.07 5.50 -3.82
C LEU A 5 -20.73 5.97 -4.38
N SER A 6 -20.65 7.24 -4.73
CA SER A 6 -19.42 7.83 -5.27
C SER A 6 -18.27 7.75 -4.26
N ILE A 7 -18.61 7.83 -2.97
CA ILE A 7 -17.61 7.76 -1.90
C ILE A 7 -17.11 6.34 -1.73
N ASP A 8 -18.05 5.42 -1.61
CA ASP A 8 -17.73 4.00 -1.46
C ASP A 8 -16.65 3.56 -2.44
N LEU A 9 -16.91 3.81 -3.72
CA LEU A 9 -15.97 3.45 -4.79
C LEU A 9 -14.69 4.30 -4.72
N THR A 10 -14.84 5.62 -4.64
CA THR A 10 -13.69 6.53 -4.59
C THR A 10 -12.80 6.20 -3.38
N PHE A 11 -13.39 6.17 -2.20
CA PHE A 11 -12.64 5.86 -0.99
C PHE A 11 -11.98 4.47 -1.09
N HIS A 12 -12.65 3.56 -1.82
CA HIS A 12 -12.11 2.21 -2.00
C HIS A 12 -11.02 2.18 -3.07
N LEU A 13 -11.25 2.88 -4.18
CA LEU A 13 -10.27 2.90 -5.27
C LEU A 13 -9.04 3.73 -4.89
N LEU A 14 -9.24 4.90 -4.28
CA LEU A 14 -8.11 5.75 -3.88
C LEU A 14 -7.20 5.04 -2.88
N ARG A 15 -7.80 4.25 -1.99
CA ARG A 15 -7.06 3.51 -0.99
C ARG A 15 -5.86 2.81 -1.63
N THR A 16 -6.09 2.09 -2.72
CA THR A 16 -5.03 1.36 -3.43
C THR A 16 -3.85 2.25 -3.80
N LEU A 17 -4.09 3.51 -4.17
CA LEU A 17 -3.00 4.42 -4.55
C LEU A 17 -2.15 4.84 -3.34
N LEU A 18 -2.74 4.78 -2.14
CA LEU A 18 -2.02 5.18 -0.93
C LEU A 18 -1.67 3.98 -0.03
N GLU A 19 -2.53 2.97 -0.01
CA GLU A 19 -2.30 1.77 0.81
C GLU A 19 -1.14 0.94 0.29
N LEU A 20 -0.67 1.25 -0.91
CA LEU A 20 0.45 0.55 -1.51
C LEU A 20 1.75 0.89 -0.79
N ALA A 21 1.91 2.15 -0.37
CA ALA A 21 3.12 2.59 0.32
C ALA A 21 3.42 1.70 1.53
N ARG A 22 2.46 1.63 2.45
CA ARG A 22 2.61 0.81 3.65
C ARG A 22 2.81 -0.65 3.25
N THR A 23 1.92 -1.14 2.37
CA THR A 23 2.00 -2.52 1.89
C THR A 23 3.38 -2.78 1.29
N GLN A 24 3.84 -1.87 0.41
CA GLN A 24 5.15 -2.00 -0.20
C GLN A 24 6.21 -2.10 0.88
N SER A 25 6.19 -1.14 1.80
CA SER A 25 7.13 -1.13 2.92
C SER A 25 7.06 -2.46 3.67
N GLN A 26 5.83 -2.95 3.87
CA GLN A 26 5.58 -4.21 4.56
C GLN A 26 6.37 -5.37 3.93
N ARG A 27 6.28 -5.50 2.61
CA ARG A 27 7.01 -6.56 1.91
C ARG A 27 8.48 -6.20 1.72
N GLU A 28 8.75 -4.94 1.40
CA GLU A 28 10.10 -4.47 1.20
C GLU A 28 10.98 -4.69 2.44
N ARG A 29 10.49 -4.26 3.60
CA ARG A 29 11.22 -4.43 4.85
C ARG A 29 11.67 -5.87 5.05
N ALA A 30 10.84 -6.81 4.60
CA ALA A 30 11.15 -8.23 4.72
C ALA A 30 12.10 -8.67 3.60
N GLU A 31 11.88 -8.13 2.40
CA GLU A 31 12.71 -8.44 1.24
C GLU A 31 14.10 -7.83 1.41
N GLN A 32 14.14 -6.53 1.68
CA GLN A 32 15.41 -5.85 1.89
C GLN A 32 16.21 -6.56 3.00
N ASN A 33 15.47 -7.08 4.00
CA ASN A 33 16.09 -7.81 5.09
C ASN A 33 16.88 -9.01 4.56
N ARG A 34 16.28 -9.76 3.63
CA ARG A 34 16.96 -10.91 3.05
C ARG A 34 17.97 -10.46 1.99
N ILE A 35 17.65 -9.39 1.28
CA ILE A 35 18.54 -8.84 0.25
C ILE A 35 19.85 -8.36 0.86
N ILE A 36 19.74 -7.56 1.91
CA ILE A 36 20.92 -7.03 2.61
C ILE A 36 21.65 -8.14 3.38
N PHE A 37 20.89 -9.14 3.85
CA PHE A 37 21.47 -10.25 4.61
C PHE A 37 22.68 -10.86 3.89
N ASP A 38 22.67 -10.85 2.55
CA ASP A 38 23.77 -11.39 1.76
C ASP A 38 24.99 -10.47 1.72
N SER A 39 24.95 -9.37 2.49
CA SER A 39 26.05 -8.40 2.54
C SER A 39 26.09 -7.54 1.29
N VAL A 40 25.03 -6.76 1.09
CA VAL A 40 24.92 -5.88 -0.07
C VAL A 40 24.01 -4.68 0.24
#